data_5NSD
#
_entry.id   5NSD
#
_cell.length_a   62.138
_cell.length_b   109.167
_cell.length_c   84.974
_cell.angle_alpha   90.00
_cell.angle_beta   96.63
_cell.angle_gamma   90.00
#
_symmetry.space_group_name_H-M   'P 1 21 1'
#
loop_
_entity.id
_entity.type
_entity.pdbx_description
1 polymer 'Nicotinamide phosphoribosyltransferase'
2 non-polymer 'PHOSPHATE ION'
3 non-polymer GLYCEROL
4 non-polymer (~{E})-3-(6-azanylpyridin-3-yl)-~{N}-[[5-[4-[4,4-bis(fluoranyl)piperidin-1-yl]carbonylphenyl]-7-(4-fluorophenyl)-1-benzofuran-2-yl]methyl]prop-2-enamide
5 water water
#
_entity_poly.entity_id   1
_entity_poly.type   'polypeptide(L)'
_entity_poly.pdbx_seq_one_letter_code
;MNPAAEAEFNILLATDSYKVTHYKQYPPNTSKVYSYFECREKKTENSKLRKVKYEETVFYGLQYILNKYLKGKVVTKEKI
QEAKDVYKEHFQDDVFNEKGWNYILEKYDGHLPIEIKAVPEGFVIPRGNVLFTVENTDPECYWLTNWIETILVQSWYPIT
VATNSREQKKILAKYLLETSGNLDGLEYKLHDFGYRGVSSQETAGIGASAHLVNFKGTDTVAGLALIKKYYGTKDPVPGY
SVPAAEHSTITAWGKDHEKDAFEHIVTQFSSVPVSVVSDSYDIYNACEKIWGEDLRHLIVSRSTQAPLIIRPDSGNPLDT
VLKVLEILGKKFPVTENSKGYKLLPPYLRVIQGDGVDINTLQEIVEGMKQKMWSIENIAFGSGGGLLQKLTRDLLNCSFK
CSYVVTNGLGINVFKDPVADPNKRSKKGRLSLHRTPAGNFVTLEEGKGDLEEYGQDLLHTVFKNGKVTKSYSFDEIRKNA
QLNIELEAAHHENLYFQ
;
_entity_poly.pdbx_strand_id   A,B
#
loop_
_chem_comp.id
_chem_comp.type
_chem_comp.name
_chem_comp.formula
96Q non-polymer (~{E})-3-(6-azanylpyridin-3-yl)-~{N}-[[5-[4-[4,4-bis(fluoranyl)piperidin-1-yl]carbonylphenyl]-7-(4-fluorophenyl)-1-benzofuran-2-yl]methyl]prop-2-enamide 'C35 H29 F3 N4 O3'
GOL non-polymer GLYCEROL 'C3 H8 O3'
PO4 non-polymer 'PHOSPHATE ION' 'O4 P -3'
#
# COMPACT_ATOMS: atom_id res chain seq x y z
N GLU A 8 0.41 -19.05 -11.21
CA GLU A 8 1.81 -18.76 -11.54
C GLU A 8 1.96 -17.37 -12.13
N PHE A 9 3.02 -16.67 -11.72
CA PHE A 9 3.27 -15.31 -12.19
C PHE A 9 3.61 -15.32 -13.68
N ASN A 10 3.02 -14.37 -14.42
CA ASN A 10 3.28 -14.21 -15.84
C ASN A 10 3.75 -12.77 -16.11
N ILE A 11 5.04 -12.62 -16.46
CA ILE A 11 5.59 -11.30 -16.72
C ILE A 11 4.96 -10.61 -17.93
N LEU A 12 4.29 -11.37 -18.81
CA LEU A 12 3.60 -10.77 -19.95
C LEU A 12 2.34 -10.04 -19.52
N LEU A 13 1.84 -10.31 -18.32
CA LEU A 13 0.64 -9.65 -17.79
C LEU A 13 0.97 -8.72 -16.62
N ALA A 14 2.25 -8.34 -16.46
CA ALA A 14 2.64 -7.50 -15.33
C ALA A 14 3.20 -6.16 -15.80
N THR A 15 2.49 -5.49 -16.69
CA THR A 15 2.87 -4.18 -17.20
C THR A 15 1.63 -3.32 -17.37
N ASP A 16 1.83 -2.03 -17.59
CA ASP A 16 0.72 -1.15 -17.89
C ASP A 16 0.13 -1.56 -19.28
N SER A 17 -1.18 -1.64 -19.37
CA SER A 17 -1.91 -1.98 -20.60
C SER A 17 -1.38 -1.30 -21.85
N TYR A 18 -1.17 0.01 -21.81
CA TYR A 18 -0.67 0.71 -22.96
C TYR A 18 0.71 0.32 -23.49
N LYS A 19 1.54 -0.26 -22.66
CA LYS A 19 2.85 -0.62 -23.06
C LYS A 19 2.82 -1.73 -24.07
N VAL A 20 1.71 -2.42 -24.14
CA VAL A 20 1.55 -3.47 -25.14
C VAL A 20 1.50 -2.87 -26.55
N THR A 21 1.02 -1.62 -26.68
CA THR A 21 0.91 -0.96 -27.97
C THR A 21 2.10 -0.05 -28.29
N HIS A 22 3.18 -0.12 -27.50
CA HIS A 22 4.31 0.79 -27.69
C HIS A 22 5.28 0.33 -28.77
N TYR A 23 5.35 -0.96 -29.07
CA TYR A 23 6.31 -1.42 -30.09
C TYR A 23 5.95 -0.95 -31.48
N LYS A 24 4.82 -0.29 -31.66
CA LYS A 24 4.41 0.27 -32.95
C LYS A 24 4.56 1.78 -33.00
N GLN A 25 5.18 2.39 -31.98
CA GLN A 25 5.27 3.84 -31.86
C GLN A 25 6.69 4.40 -31.90
N TYR A 26 7.71 3.56 -31.70
CA TYR A 26 9.09 4.01 -31.75
C TYR A 26 9.48 4.33 -33.19
N PRO A 27 10.53 5.15 -33.38
CA PRO A 27 11.00 5.41 -34.73
C PRO A 27 11.48 4.13 -35.39
N PRO A 28 11.30 4.00 -36.70
CA PRO A 28 11.79 2.80 -37.40
C PRO A 28 13.31 2.68 -37.33
N ASN A 29 13.78 1.43 -37.39
CA ASN A 29 15.21 1.13 -37.35
C ASN A 29 15.85 1.56 -36.04
N THR A 30 15.18 1.28 -34.93
CA THR A 30 15.69 1.57 -33.59
C THR A 30 16.23 0.28 -32.98
N SER A 31 17.48 0.31 -32.53
CA SER A 31 18.15 -0.89 -32.03
C SER A 31 18.52 -0.84 -30.56
N LYS A 32 18.30 0.29 -29.88
CA LYS A 32 18.72 0.44 -28.49
C LYS A 32 17.83 1.46 -27.79
N VAL A 33 17.33 1.08 -26.61
CA VAL A 33 16.57 1.96 -25.72
C VAL A 33 17.24 1.91 -24.35
N TYR A 34 17.61 3.08 -23.82
CA TYR A 34 18.41 3.19 -22.59
C TYR A 34 17.68 4.11 -21.63
N SER A 35 17.42 3.63 -20.41
CA SER A 35 16.59 4.35 -19.44
C SER A 35 17.21 4.26 -18.05
N TYR A 36 16.80 5.16 -17.14
CA TYR A 36 17.41 5.29 -15.82
C TYR A 36 16.36 5.66 -14.77
N PHE A 37 16.75 5.53 -13.51
CA PHE A 37 15.87 5.74 -12.38
C PHE A 37 16.51 6.75 -11.44
N GLU A 38 15.74 7.76 -11.01
CA GLU A 38 16.24 8.75 -10.05
C GLU A 38 15.15 9.15 -9.06
N CYS A 39 15.57 9.71 -7.90
CA CYS A 39 14.68 10.37 -6.94
C CYS A 39 14.78 11.87 -7.20
N ARG A 40 13.84 12.41 -7.97
CA ARG A 40 13.99 13.73 -8.57
C ARG A 40 14.10 14.83 -7.52
N GLU A 41 14.95 15.80 -7.79
CA GLU A 41 15.15 16.94 -6.92
C GLU A 41 13.95 17.89 -7.00
N LYS A 42 13.92 18.85 -6.08
CA LYS A 42 12.89 19.89 -6.10
C LYS A 42 13.48 21.22 -6.56
N LYS A 53 14.09 18.35 3.99
CA LYS A 53 13.36 17.17 4.43
C LYS A 53 13.63 16.16 3.34
N TYR A 54 14.18 15.05 3.78
CA TYR A 54 14.50 13.95 2.90
C TYR A 54 15.50 14.39 1.83
N GLU A 55 16.67 14.80 2.27
CA GLU A 55 17.65 15.28 1.32
C GLU A 55 18.48 14.15 0.74
N GLU A 56 18.41 12.96 1.33
CA GLU A 56 19.22 11.84 0.90
C GLU A 56 18.42 10.56 1.10
N THR A 57 18.56 9.60 0.17
CA THR A 57 17.74 8.41 0.16
C THR A 57 18.58 7.15 0.34
N VAL A 58 17.97 6.13 0.95
CA VAL A 58 18.57 4.81 1.10
C VAL A 58 18.10 3.94 -0.05
N PHE A 59 19.04 3.38 -0.82
CA PHE A 59 18.72 2.53 -1.96
C PHE A 59 18.61 1.08 -1.48
N TYR A 60 17.40 0.52 -1.52
CA TYR A 60 17.15 -0.83 -1.07
C TYR A 60 15.91 -1.37 -1.77
N GLY A 61 15.96 -2.64 -2.18
CA GLY A 61 14.80 -3.34 -2.69
C GLY A 61 14.94 -3.93 -4.08
N LEU A 62 15.97 -3.54 -4.84
CA LEU A 62 16.11 -4.01 -6.21
C LEU A 62 16.35 -5.52 -6.26
N GLN A 63 17.20 -6.03 -5.37
CA GLN A 63 17.57 -7.45 -5.39
C GLN A 63 16.36 -8.37 -5.22
N TYR A 64 15.41 -7.97 -4.38
CA TYR A 64 14.19 -8.77 -4.22
C TYR A 64 13.48 -8.98 -5.56
N ILE A 65 13.38 -7.93 -6.37
CA ILE A 65 12.65 -7.99 -7.63
C ILE A 65 13.40 -8.80 -8.69
N LEU A 66 14.74 -8.73 -8.69
CA LEU A 66 15.51 -9.47 -9.69
C LEU A 66 15.35 -10.98 -9.54
N ASN A 67 15.26 -11.46 -8.29
CA ASN A 67 15.21 -12.90 -8.04
C ASN A 67 13.80 -13.47 -8.17
N LYS A 68 12.77 -12.71 -7.76
CA LYS A 68 11.42 -13.25 -7.73
C LYS A 68 10.70 -13.17 -9.07
N TYR A 69 11.09 -12.24 -9.95
CA TYR A 69 10.27 -11.95 -11.12
C TYR A 69 11.05 -11.92 -12.43
N LEU A 70 12.33 -11.56 -12.39
CA LEU A 70 13.07 -11.24 -13.61
C LEU A 70 14.06 -12.31 -14.05
N LYS A 71 14.65 -13.08 -13.14
CA LYS A 71 15.70 -14.01 -13.51
C LYS A 71 15.13 -15.35 -13.98
N GLY A 72 15.92 -16.04 -14.81
CA GLY A 72 15.58 -17.37 -15.25
C GLY A 72 14.64 -17.39 -16.43
N LYS A 73 14.12 -18.59 -16.71
CA LYS A 73 13.18 -18.79 -17.82
C LYS A 73 11.84 -18.18 -17.43
N VAL A 74 11.55 -16.99 -17.97
CA VAL A 74 10.31 -16.29 -17.63
C VAL A 74 9.29 -16.35 -18.77
N VAL A 75 9.63 -16.99 -19.89
CA VAL A 75 8.76 -17.07 -21.05
C VAL A 75 8.56 -18.54 -21.40
N THR A 76 7.31 -18.96 -21.58
CA THR A 76 6.97 -20.29 -22.02
C THR A 76 5.90 -20.20 -23.12
N LYS A 77 5.70 -21.32 -23.82
CA LYS A 77 4.67 -21.36 -24.85
C LYS A 77 3.27 -21.15 -24.26
N GLU A 78 3.05 -21.62 -23.03
CA GLU A 78 1.74 -21.45 -22.40
C GLU A 78 1.51 -19.99 -22.01
N LYS A 79 2.52 -19.33 -21.46
CA LYS A 79 2.35 -17.95 -21.04
C LYS A 79 2.10 -17.02 -22.22
N ILE A 80 2.71 -17.32 -23.37
CA ILE A 80 2.46 -16.52 -24.58
C ILE A 80 1.01 -16.67 -25.02
N GLN A 81 0.48 -17.90 -24.99
CA GLN A 81 -0.89 -18.14 -25.42
C GLN A 81 -1.90 -17.53 -24.46
N GLU A 82 -1.60 -17.52 -23.17
N GLU A 82 -1.60 -17.55 -23.16
CA GLU A 82 -2.54 -16.95 -22.21
CA GLU A 82 -2.49 -16.96 -22.17
C GLU A 82 -2.58 -15.42 -22.32
C GLU A 82 -2.57 -15.44 -22.34
N ALA A 83 -1.41 -14.78 -22.50
CA ALA A 83 -1.39 -13.35 -22.71
C ALA A 83 -2.09 -12.97 -24.01
N LYS A 84 -1.92 -13.80 -25.05
CA LYS A 84 -2.63 -13.55 -26.30
C LYS A 84 -4.14 -13.52 -26.07
N ASP A 85 -4.67 -14.50 -25.36
CA ASP A 85 -6.12 -14.63 -25.20
C ASP A 85 -6.69 -13.48 -24.39
N VAL A 86 -5.96 -13.03 -23.36
CA VAL A 86 -6.49 -11.98 -22.49
C VAL A 86 -6.51 -10.64 -23.23
N TYR A 87 -5.47 -10.34 -24.01
CA TYR A 87 -5.39 -9.04 -24.66
C TYR A 87 -6.40 -8.88 -25.78
N LYS A 88 -6.83 -9.98 -26.42
CA LYS A 88 -7.81 -9.78 -27.49
C LYS A 88 -9.15 -9.32 -26.92
N GLU A 89 -9.51 -9.70 -25.70
CA GLU A 89 -10.71 -9.19 -25.06
C GLU A 89 -10.50 -7.83 -24.41
N HIS A 90 -9.29 -7.58 -23.89
CA HIS A 90 -9.04 -6.33 -23.18
C HIS A 90 -9.06 -5.14 -24.14
N PHE A 91 -8.44 -5.29 -25.31
CA PHE A 91 -8.38 -4.24 -26.31
C PHE A 91 -9.48 -4.36 -27.37
N GLN A 92 -10.22 -5.47 -27.39
CA GLN A 92 -11.12 -5.77 -28.49
C GLN A 92 -10.39 -5.75 -29.82
N ASP A 93 -9.11 -6.15 -29.80
CA ASP A 93 -8.26 -6.18 -30.98
C ASP A 93 -7.05 -7.04 -30.67
N ASP A 94 -6.19 -7.23 -31.67
CA ASP A 94 -5.08 -8.18 -31.61
C ASP A 94 -3.72 -7.50 -31.59
N VAL A 95 -3.60 -6.41 -30.83
CA VAL A 95 -2.37 -5.60 -30.84
C VAL A 95 -1.18 -6.32 -30.23
N PHE A 96 -1.39 -7.46 -29.58
CA PHE A 96 -0.30 -8.13 -28.85
C PHE A 96 0.83 -8.54 -29.78
N ASN A 97 2.07 -8.33 -29.31
CA ASN A 97 3.28 -8.64 -30.09
C ASN A 97 3.69 -10.08 -29.83
N GLU A 98 2.98 -11.00 -30.50
CA GLU A 98 3.28 -12.42 -30.34
C GLU A 98 4.63 -12.78 -30.94
N LYS A 99 5.02 -12.13 -32.04
CA LYS A 99 6.27 -12.50 -32.73
C LYS A 99 7.49 -12.12 -31.90
N GLY A 100 7.43 -11.00 -31.17
CA GLY A 100 8.59 -10.58 -30.39
C GLY A 100 8.88 -11.49 -29.23
N TRP A 101 7.84 -11.96 -28.55
CA TRP A 101 8.02 -12.84 -27.40
C TRP A 101 8.37 -14.27 -27.80
N ASN A 102 8.00 -14.69 -29.01
CA ASN A 102 8.39 -16.01 -29.49
C ASN A 102 9.87 -16.06 -29.84
N TYR A 103 10.46 -14.94 -30.27
CA TYR A 103 11.89 -14.91 -30.55
C TYR A 103 12.72 -15.09 -29.28
N ILE A 104 12.34 -14.40 -28.20
CA ILE A 104 13.07 -14.53 -26.93
C ILE A 104 13.00 -15.96 -26.42
N LEU A 105 11.86 -16.62 -26.60
CA LEU A 105 11.74 -18.01 -26.18
C LEU A 105 12.65 -18.92 -27.00
N GLU A 106 12.61 -18.78 -28.33
CA GLU A 106 13.36 -19.69 -29.19
C GLU A 106 14.84 -19.38 -29.20
N LYS A 107 15.22 -18.11 -29.00
CA LYS A 107 16.63 -17.74 -29.12
C LYS A 107 17.38 -17.78 -27.79
N TYR A 108 16.71 -17.46 -26.68
CA TYR A 108 17.38 -17.34 -25.38
C TYR A 108 16.76 -18.22 -24.32
N ASP A 109 15.95 -19.21 -24.71
CA ASP A 109 15.33 -20.15 -23.78
C ASP A 109 14.52 -19.42 -22.72
N GLY A 110 13.84 -18.35 -23.13
CA GLY A 110 13.00 -17.59 -22.23
C GLY A 110 13.72 -16.66 -21.28
N HIS A 111 15.02 -16.44 -21.45
CA HIS A 111 15.79 -15.52 -20.61
C HIS A 111 15.78 -14.13 -21.21
N LEU A 112 15.63 -13.13 -20.35
CA LEU A 112 15.47 -11.75 -20.80
C LEU A 112 16.82 -11.17 -21.22
N PRO A 113 16.97 -10.69 -22.45
CA PRO A 113 18.23 -10.05 -22.88
C PRO A 113 18.30 -8.57 -22.49
N ILE A 114 18.58 -8.34 -21.21
CA ILE A 114 18.60 -7.01 -20.59
C ILE A 114 19.81 -6.93 -19.68
N GLU A 115 20.44 -5.75 -19.61
CA GLU A 115 21.51 -5.50 -18.66
C GLU A 115 21.12 -4.36 -17.73
N ILE A 116 21.30 -4.56 -16.42
CA ILE A 116 20.95 -3.56 -15.41
C ILE A 116 22.18 -3.26 -14.55
N LYS A 117 22.47 -1.98 -14.37
CA LYS A 117 23.55 -1.52 -13.50
C LYS A 117 22.97 -0.69 -12.36
N ALA A 118 23.56 -0.81 -11.17
CA ALA A 118 22.96 -0.19 -10.00
C ALA A 118 24.02 0.13 -8.93
N VAL A 119 23.68 1.11 -8.09
CA VAL A 119 24.47 1.48 -6.92
C VAL A 119 24.29 0.38 -5.86
N PRO A 120 25.30 0.08 -5.04
CA PRO A 120 25.15 -0.97 -4.03
C PRO A 120 24.00 -0.69 -3.05
N GLU A 121 23.21 -1.73 -2.75
CA GLU A 121 22.09 -1.57 -1.83
C GLU A 121 22.60 -1.16 -0.45
N GLY A 122 21.82 -0.31 0.22
CA GLY A 122 22.20 0.28 1.48
C GLY A 122 22.83 1.66 1.37
N PHE A 123 23.31 2.03 0.18
CA PHE A 123 23.98 3.32 -0.03
C PHE A 123 23.02 4.49 0.21
N VAL A 124 23.58 5.57 0.78
CA VAL A 124 22.83 6.80 1.07
C VAL A 124 23.27 7.87 0.09
N ILE A 125 22.36 8.28 -0.80
CA ILE A 125 22.69 9.11 -1.97
C ILE A 125 21.80 10.34 -1.96
N PRO A 126 22.34 11.54 -2.18
CA PRO A 126 21.50 12.75 -2.26
C PRO A 126 20.56 12.73 -3.46
N ARG A 127 19.47 13.50 -3.34
CA ARG A 127 18.47 13.55 -4.39
C ARG A 127 19.05 14.05 -5.70
N GLY A 128 18.50 13.56 -6.81
CA GLY A 128 18.87 14.03 -8.12
C GLY A 128 20.00 13.28 -8.80
N ASN A 129 20.31 12.06 -8.35
CA ASN A 129 21.39 11.26 -8.89
C ASN A 129 20.85 9.96 -9.46
N VAL A 130 21.52 9.43 -10.49
CA VAL A 130 21.09 8.18 -11.10
C VAL A 130 21.35 7.04 -10.12
N LEU A 131 20.36 6.16 -9.97
CA LEU A 131 20.42 5.01 -9.07
C LEU A 131 20.55 3.67 -9.78
N PHE A 132 19.86 3.46 -10.90
CA PHE A 132 20.12 2.30 -11.74
C PHE A 132 19.70 2.62 -13.17
N THR A 133 20.23 1.84 -14.12
CA THR A 133 19.98 1.99 -15.54
C THR A 133 19.55 0.65 -16.14
N VAL A 134 18.78 0.74 -17.24
CA VAL A 134 18.21 -0.42 -17.91
C VAL A 134 18.40 -0.25 -19.41
N GLU A 135 18.87 -1.30 -20.09
CA GLU A 135 19.05 -1.27 -21.54
C GLU A 135 18.99 -2.69 -22.08
N ASN A 136 18.67 -2.80 -23.38
CA ASN A 136 18.58 -4.08 -24.05
C ASN A 136 19.93 -4.48 -24.66
N THR A 137 20.18 -5.79 -24.71
CA THR A 137 21.42 -6.32 -25.27
C THR A 137 21.24 -6.99 -26.63
N ASP A 138 20.02 -7.00 -27.17
CA ASP A 138 19.75 -7.53 -28.51
C ASP A 138 19.02 -6.46 -29.30
N PRO A 139 19.46 -6.15 -30.53
CA PRO A 139 18.75 -5.16 -31.34
C PRO A 139 17.29 -5.51 -31.59
N GLU A 140 16.95 -6.80 -31.62
CA GLU A 140 15.57 -7.20 -31.85
C GLU A 140 14.66 -6.87 -30.67
N CYS A 141 15.22 -6.71 -29.47
CA CYS A 141 14.45 -6.51 -28.25
C CYS A 141 14.52 -5.08 -27.74
N TYR A 142 14.49 -4.11 -28.67
CA TYR A 142 14.49 -2.69 -28.32
C TYR A 142 13.26 -2.29 -27.50
N TRP A 143 12.14 -3.00 -27.68
CA TRP A 143 10.89 -2.71 -26.98
C TRP A 143 10.87 -3.24 -25.55
N LEU A 144 11.86 -4.06 -25.15
CA LEU A 144 11.85 -4.71 -23.86
C LEU A 144 12.26 -3.79 -22.71
N THR A 145 13.04 -2.74 -23.00
CA THR A 145 13.57 -1.86 -21.96
C THR A 145 12.46 -1.24 -21.12
N ASN A 146 11.48 -0.60 -21.77
CA ASN A 146 10.41 0.08 -21.06
C ASN A 146 9.20 -0.82 -20.78
N TRP A 147 9.18 -2.05 -21.29
CA TRP A 147 8.15 -3.01 -20.90
C TRP A 147 8.21 -3.34 -19.42
N ILE A 148 9.42 -3.41 -18.86
CA ILE A 148 9.61 -3.72 -17.45
C ILE A 148 9.74 -2.46 -16.59
N GLU A 149 9.28 -1.32 -17.09
CA GLU A 149 9.30 -0.12 -16.27
C GLU A 149 8.37 -0.28 -15.06
N THR A 150 7.16 -0.80 -15.28
CA THR A 150 6.16 -0.80 -14.21
C THR A 150 6.61 -1.64 -13.02
N ILE A 151 7.18 -2.83 -13.29
CA ILE A 151 7.65 -3.69 -12.21
C ILE A 151 8.83 -3.07 -11.48
N LEU A 152 9.73 -2.40 -12.21
CA LEU A 152 10.92 -1.86 -11.55
C LEU A 152 10.63 -0.58 -10.79
N VAL A 153 9.62 0.20 -11.23
CA VAL A 153 9.28 1.44 -10.53
C VAL A 153 8.75 1.14 -9.13
N GLN A 154 8.14 -0.02 -8.92
CA GLN A 154 7.62 -0.38 -7.60
C GLN A 154 8.70 -0.45 -6.52
N SER A 155 9.99 -0.35 -6.89
CA SER A 155 11.03 -0.25 -5.87
C SER A 155 10.95 1.05 -5.08
N TRP A 156 10.13 2.00 -5.51
CA TRP A 156 9.93 3.23 -4.73
C TRP A 156 9.51 2.93 -3.29
N TYR A 157 8.78 1.83 -3.07
CA TYR A 157 8.20 1.59 -1.75
C TYR A 157 9.26 1.20 -0.73
N PRO A 158 10.09 0.16 -0.94
CA PRO A 158 11.17 -0.10 0.03
C PRO A 158 12.19 1.02 0.14
N ILE A 159 12.41 1.80 -0.93
CA ILE A 159 13.30 2.95 -0.81
C ILE A 159 12.72 3.99 0.15
N THR A 160 11.42 4.29 0.02
CA THR A 160 10.81 5.33 0.84
C THR A 160 10.60 4.87 2.29
N VAL A 161 10.32 3.59 2.51
CA VAL A 161 10.17 3.10 3.87
C VAL A 161 11.50 3.16 4.61
N ALA A 162 12.57 2.69 3.95
CA ALA A 162 13.89 2.68 4.57
C ALA A 162 14.41 4.09 4.84
N THR A 163 14.13 5.02 3.92
CA THR A 163 14.57 6.40 4.10
C THR A 163 13.81 7.08 5.25
N ASN A 164 12.47 6.99 5.24
CA ASN A 164 11.66 7.63 6.28
C ASN A 164 11.92 7.04 7.66
N SER A 165 12.23 5.74 7.71
CA SER A 165 12.60 5.11 8.99
C SER A 165 13.95 5.62 9.48
N ARG A 166 14.95 5.73 8.58
CA ARG A 166 16.26 6.24 8.98
C ARG A 166 16.18 7.68 9.50
N GLU A 167 15.37 8.53 8.84
CA GLU A 167 15.22 9.89 9.33
C GLU A 167 14.60 9.91 10.72
N GLN A 168 13.75 8.93 11.06
CA GLN A 168 13.21 8.86 12.41
C GLN A 168 14.27 8.40 13.41
N LYS A 169 15.18 7.52 12.97
CA LYS A 169 16.32 7.15 13.82
C LYS A 169 17.21 8.35 14.10
N LYS A 170 17.31 9.29 13.16
CA LYS A 170 18.16 10.47 13.36
C LYS A 170 17.64 11.34 14.48
N ILE A 171 16.33 11.61 14.50
CA ILE A 171 15.70 12.40 15.55
C ILE A 171 15.89 11.73 16.92
N LEU A 172 15.70 10.41 16.98
CA LEU A 172 15.80 9.72 18.27
C LEU A 172 17.22 9.75 18.79
N ALA A 173 18.21 9.57 17.90
CA ALA A 173 19.61 9.60 18.29
C ALA A 173 20.03 10.96 18.85
N LYS A 174 19.50 12.04 18.28
CA LYS A 174 19.91 13.37 18.72
C LYS A 174 19.49 13.65 20.16
N TYR A 175 18.23 13.36 20.50
CA TYR A 175 17.71 13.65 21.83
C TYR A 175 18.11 12.61 22.87
N LEU A 176 18.39 11.38 22.44
CA LEU A 176 18.91 10.38 23.38
C LEU A 176 20.32 10.73 23.83
N LEU A 177 21.17 11.12 22.88
CA LEU A 177 22.53 11.53 23.22
C LEU A 177 22.54 12.76 24.11
N GLU A 178 21.53 13.64 23.98
CA GLU A 178 21.52 14.88 24.73
C GLU A 178 21.04 14.68 26.17
N THR A 179 20.03 13.85 26.37
CA THR A 179 19.45 13.67 27.69
C THR A 179 20.10 12.56 28.51
N SER A 180 20.92 11.69 27.89
CA SER A 180 21.52 10.55 28.57
C SER A 180 23.03 10.50 28.47
N GLY A 181 23.60 10.86 27.32
CA GLY A 181 25.04 10.85 27.13
C GLY A 181 25.56 9.75 26.23
N ASN A 182 24.71 8.87 25.72
CA ASN A 182 25.14 7.80 24.82
C ASN A 182 23.95 7.37 23.97
N LEU A 183 24.13 6.28 23.21
CA LEU A 183 23.08 5.78 22.33
C LEU A 183 22.64 4.36 22.69
N ASP A 184 22.81 3.98 23.96
CA ASP A 184 22.42 2.65 24.43
C ASP A 184 20.92 2.46 24.24
N GLY A 185 20.54 1.38 23.54
CA GLY A 185 19.14 1.07 23.35
C GLY A 185 18.50 1.68 22.12
N LEU A 186 19.30 2.25 21.20
CA LEU A 186 18.73 2.98 20.07
C LEU A 186 18.06 2.05 19.06
N GLU A 187 18.65 0.88 18.82
CA GLU A 187 18.16 0.02 17.74
C GLU A 187 16.80 -0.61 18.04
N TYR A 188 16.16 -0.33 19.18
CA TYR A 188 14.78 -0.78 19.36
C TYR A 188 13.89 0.29 19.99
N LYS A 189 14.14 1.55 19.70
CA LYS A 189 13.25 2.61 20.18
C LYS A 189 12.07 2.87 19.25
N LEU A 190 12.00 2.18 18.11
CA LEU A 190 10.87 2.30 17.18
C LEU A 190 10.44 0.92 16.72
N HIS A 191 9.29 0.44 17.22
CA HIS A 191 8.75 -0.87 16.88
C HIS A 191 7.71 -0.78 15.77
N ASP A 192 7.72 -1.79 14.89
CA ASP A 192 6.82 -1.86 13.73
C ASP A 192 5.50 -2.53 14.13
N PHE A 193 4.40 -1.76 14.09
CA PHE A 193 3.06 -2.24 14.43
C PHE A 193 2.15 -2.41 13.22
N GLY A 194 2.68 -2.35 12.00
CA GLY A 194 1.83 -2.09 10.86
C GLY A 194 1.29 -3.26 10.07
N TYR A 195 1.34 -4.49 10.61
CA TYR A 195 0.89 -5.65 9.85
C TYR A 195 -0.56 -5.52 9.38
N ARG A 196 -1.46 -5.20 10.29
CA ARG A 196 -2.86 -5.11 9.92
C ARG A 196 -3.19 -3.85 9.14
N GLY A 197 -2.31 -2.85 9.15
CA GLY A 197 -2.56 -1.56 8.53
C GLY A 197 -2.05 -1.39 7.11
N VAL A 198 -1.48 -2.44 6.50
CA VAL A 198 -1.01 -2.35 5.12
C VAL A 198 -2.06 -2.90 4.16
N SER A 199 -1.77 -2.81 2.86
CA SER A 199 -2.74 -3.09 1.82
C SER A 199 -2.76 -4.55 1.36
N SER A 200 -1.79 -5.37 1.76
CA SER A 200 -1.75 -6.78 1.35
C SER A 200 -0.68 -7.52 2.15
N GLN A 201 -0.64 -8.85 1.98
CA GLN A 201 0.37 -9.67 2.64
C GLN A 201 1.76 -9.42 2.08
N GLU A 202 1.88 -9.31 0.74
CA GLU A 202 3.18 -9.10 0.14
C GLU A 202 3.76 -7.74 0.52
N THR A 203 2.90 -6.72 0.64
CA THR A 203 3.36 -5.41 1.11
C THR A 203 3.91 -5.50 2.54
N ALA A 204 3.29 -6.31 3.40
CA ALA A 204 3.76 -6.39 4.78
C ALA A 204 5.18 -6.92 4.86
N GLY A 205 5.50 -7.96 4.06
CA GLY A 205 6.84 -8.51 4.09
C GLY A 205 7.90 -7.55 3.56
N ILE A 206 7.61 -6.85 2.45
CA ILE A 206 8.57 -5.91 1.88
C ILE A 206 8.81 -4.71 2.81
N GLY A 207 7.73 -4.16 3.36
CA GLY A 207 7.89 -2.96 4.19
C GLY A 207 8.55 -3.24 5.52
N ALA A 208 8.21 -4.36 6.16
CA ALA A 208 8.88 -4.71 7.42
C ALA A 208 10.36 -5.01 7.20
N SER A 209 10.73 -5.58 6.05
CA SER A 209 12.14 -5.81 5.77
C SER A 209 12.89 -4.50 5.57
N ALA A 210 12.25 -3.52 4.93
CA ALA A 210 12.87 -2.21 4.76
C ALA A 210 13.05 -1.48 6.09
N HIS A 211 12.14 -1.72 7.05
CA HIS A 211 12.28 -1.11 8.37
C HIS A 211 13.44 -1.73 9.16
N LEU A 212 13.65 -3.04 9.01
CA LEU A 212 14.72 -3.71 9.72
C LEU A 212 16.11 -3.31 9.25
N VAL A 213 16.21 -2.55 8.16
CA VAL A 213 17.49 -1.97 7.75
C VAL A 213 18.01 -1.02 8.84
N ASN A 214 17.12 -0.34 9.54
CA ASN A 214 17.49 0.65 10.55
C ASN A 214 17.28 0.19 11.99
N PHE A 215 16.25 -0.59 12.28
CA PHE A 215 15.96 -1.00 13.65
C PHE A 215 15.89 -2.52 13.75
N LYS A 216 15.61 -3.02 14.95
CA LYS A 216 15.60 -4.45 15.20
C LYS A 216 14.30 -4.99 15.79
N GLY A 217 13.31 -4.15 16.10
CA GLY A 217 12.06 -4.62 16.69
C GLY A 217 10.92 -4.61 15.69
N THR A 218 10.19 -5.72 15.62
CA THR A 218 9.07 -5.82 14.69
C THR A 218 8.05 -6.81 15.22
N ASP A 219 6.78 -6.56 14.90
CA ASP A 219 5.70 -7.51 15.13
C ASP A 219 5.18 -8.12 13.83
N THR A 220 5.62 -7.59 12.68
CA THR A 220 5.22 -8.08 11.36
C THR A 220 6.12 -9.24 10.98
N VAL A 221 5.60 -10.45 11.21
CA VAL A 221 6.39 -11.70 11.10
C VAL A 221 6.91 -11.90 9.68
N ALA A 222 6.14 -11.44 8.68
CA ALA A 222 6.43 -11.79 7.30
C ALA A 222 7.75 -11.22 6.79
N GLY A 223 8.31 -10.23 7.48
CA GLY A 223 9.60 -9.68 7.10
C GLY A 223 10.77 -10.61 7.30
N LEU A 224 10.67 -11.56 8.23
CA LEU A 224 11.82 -12.40 8.55
C LEU A 224 12.10 -13.40 7.41
N ALA A 225 11.05 -14.00 6.85
CA ALA A 225 11.27 -15.00 5.80
C ALA A 225 11.75 -14.35 4.50
N LEU A 226 11.34 -13.11 4.23
CA LEU A 226 11.79 -12.42 3.02
C LEU A 226 13.30 -12.17 3.05
N ILE A 227 13.83 -11.77 4.20
CA ILE A 227 15.24 -11.41 4.31
C ILE A 227 16.12 -12.65 4.13
N LYS A 228 15.77 -13.74 4.82
CA LYS A 228 16.57 -14.95 4.73
C LYS A 228 16.58 -15.55 3.32
N LYS A 229 15.47 -15.39 2.59
CA LYS A 229 15.35 -16.00 1.26
C LYS A 229 16.09 -15.20 0.19
N TYR A 230 16.06 -13.87 0.30
CA TYR A 230 16.58 -12.99 -0.75
C TYR A 230 17.82 -12.19 -0.36
N TYR A 231 18.24 -12.19 0.91
CA TYR A 231 19.38 -11.37 1.33
C TYR A 231 20.31 -12.11 2.28
N GLY A 232 19.75 -12.73 3.32
CA GLY A 232 20.54 -13.51 4.24
C GLY A 232 21.19 -12.72 5.36
N THR A 233 21.35 -13.35 6.52
CA THR A 233 21.98 -12.70 7.66
C THR A 233 22.72 -13.74 8.50
N LYS A 234 23.68 -13.24 9.29
CA LYS A 234 24.51 -14.13 10.10
C LYS A 234 23.70 -14.77 11.23
N ASP A 235 22.83 -14.00 11.87
CA ASP A 235 22.03 -14.49 12.99
C ASP A 235 20.81 -15.27 12.51
N PRO A 236 20.20 -16.07 13.39
CA PRO A 236 18.99 -16.82 12.97
C PRO A 236 17.86 -15.94 12.43
N VAL A 237 17.55 -14.84 13.10
CA VAL A 237 16.46 -13.95 12.68
C VAL A 237 16.92 -12.50 12.71
N PRO A 238 16.36 -11.63 11.87
CA PRO A 238 16.74 -10.22 11.88
C PRO A 238 15.93 -9.32 12.81
N GLY A 239 14.82 -9.82 13.38
CA GLY A 239 13.99 -9.00 14.23
C GLY A 239 13.48 -9.77 15.42
N TYR A 240 13.03 -9.03 16.45
CA TYR A 240 12.68 -9.63 17.73
C TYR A 240 11.43 -8.95 18.29
N SER A 241 10.86 -9.56 19.33
CA SER A 241 9.65 -9.04 19.98
C SER A 241 9.56 -9.60 21.40
N VAL A 242 8.64 -9.03 22.19
CA VAL A 242 8.38 -9.45 23.56
C VAL A 242 6.89 -9.70 23.73
N PRO A 243 6.45 -10.37 24.80
CA PRO A 243 5.01 -10.57 25.00
C PRO A 243 4.31 -9.25 25.34
N ALA A 244 3.06 -9.16 24.90
CA ALA A 244 2.28 -7.92 25.08
C ALA A 244 0.80 -8.26 25.06
N ALA A 245 -0.01 -7.40 25.68
CA ALA A 245 -1.45 -7.57 25.73
C ALA A 245 -2.15 -6.75 24.66
N GLU A 246 -3.44 -7.05 24.44
CA GLU A 246 -4.33 -6.29 23.56
C GLU A 246 -5.64 -6.02 24.30
N HIS A 247 -6.55 -5.29 23.66
CA HIS A 247 -7.75 -4.88 24.38
C HIS A 247 -8.67 -6.06 24.66
N SER A 248 -8.66 -7.09 23.81
CA SER A 248 -9.52 -8.24 24.07
C SER A 248 -9.05 -9.06 25.29
N THR A 249 -7.75 -9.10 25.57
CA THR A 249 -7.28 -9.92 26.71
C THR A 249 -7.39 -9.20 28.05
N ILE A 250 -7.58 -7.89 28.05
CA ILE A 250 -7.86 -7.15 29.28
C ILE A 250 -9.37 -7.05 29.54
N THR A 251 -10.14 -6.63 28.54
CA THR A 251 -11.56 -6.39 28.76
C THR A 251 -12.37 -7.68 28.89
N ALA A 252 -11.82 -8.84 28.49
CA ALA A 252 -12.59 -10.09 28.61
C ALA A 252 -12.80 -10.51 30.05
N TRP A 253 -12.03 -9.94 31.00
CA TRP A 253 -12.19 -10.26 32.41
C TRP A 253 -13.39 -9.57 33.05
N GLY A 254 -13.90 -8.51 32.42
CA GLY A 254 -15.03 -7.78 32.97
C GLY A 254 -14.66 -6.37 33.37
N LYS A 255 -15.63 -5.45 33.25
CA LYS A 255 -15.37 -4.04 33.51
C LYS A 255 -14.86 -3.82 34.93
N ASP A 256 -15.38 -4.56 35.90
CA ASP A 256 -15.01 -4.39 37.31
C ASP A 256 -13.81 -5.24 37.72
N HIS A 257 -13.13 -5.90 36.77
CA HIS A 257 -12.05 -6.81 37.11
C HIS A 257 -10.76 -6.49 36.35
N GLU A 258 -10.52 -5.22 36.02
CA GLU A 258 -9.30 -4.86 35.29
C GLU A 258 -8.06 -5.16 36.12
N LYS A 259 -8.14 -5.03 37.44
CA LYS A 259 -6.98 -5.31 38.28
C LYS A 259 -6.63 -6.79 38.24
N ASP A 260 -7.63 -7.67 38.19
CA ASP A 260 -7.36 -9.10 38.14
C ASP A 260 -6.64 -9.49 36.85
N ALA A 261 -6.99 -8.84 35.73
CA ALA A 261 -6.33 -9.14 34.47
C ALA A 261 -4.86 -8.72 34.49
N PHE A 262 -4.56 -7.54 35.07
CA PHE A 262 -3.18 -7.09 35.18
C PHE A 262 -2.33 -8.06 35.99
N GLU A 263 -2.84 -8.49 37.15
CA GLU A 263 -2.06 -9.36 38.03
C GLU A 263 -1.77 -10.70 37.37
N HIS A 264 -2.75 -11.25 36.64
CA HIS A 264 -2.55 -12.52 35.95
C HIS A 264 -1.48 -12.41 34.87
N ILE A 265 -1.56 -11.35 34.05
CA ILE A 265 -0.64 -11.22 32.91
C ILE A 265 0.80 -11.02 33.39
N VAL A 266 1.00 -10.16 34.39
CA VAL A 266 2.36 -9.90 34.86
C VAL A 266 2.93 -11.10 35.63
N THR A 267 2.06 -12.00 36.12
CA THR A 267 2.55 -13.19 36.80
C THR A 267 2.90 -14.31 35.83
N GLN A 268 2.13 -14.43 34.74
CA GLN A 268 2.48 -15.39 33.69
C GLN A 268 3.80 -15.04 33.02
N PHE A 269 4.15 -13.76 32.95
CA PHE A 269 5.40 -13.33 32.31
C PHE A 269 6.26 -12.55 33.31
N SER A 270 6.56 -13.16 34.45
CA SER A 270 7.27 -12.44 35.50
C SER A 270 8.78 -12.44 35.30
N SER A 271 9.31 -13.18 34.33
CA SER A 271 10.73 -13.30 34.12
C SER A 271 11.19 -12.75 32.78
N VAL A 272 10.28 -12.18 32.00
CA VAL A 272 10.61 -11.54 30.73
C VAL A 272 9.89 -10.19 30.67
N PRO A 273 10.38 -9.27 29.83
CA PRO A 273 9.65 -8.02 29.64
C PRO A 273 8.23 -8.27 29.13
N VAL A 274 7.29 -7.45 29.59
CA VAL A 274 5.89 -7.60 29.22
C VAL A 274 5.28 -6.20 29.09
N SER A 275 4.53 -5.97 28.01
CA SER A 275 3.84 -4.71 27.75
C SER A 275 2.35 -4.89 28.01
N VAL A 276 1.73 -3.93 28.70
CA VAL A 276 0.33 -4.06 29.15
C VAL A 276 -0.43 -2.78 28.79
N VAL A 277 -1.36 -2.89 27.83
CA VAL A 277 -2.20 -1.75 27.46
C VAL A 277 -3.09 -1.39 28.64
N SER A 278 -3.15 -0.10 28.98
CA SER A 278 -3.78 0.31 30.22
C SER A 278 -4.82 1.42 30.05
N ASP A 279 -5.36 1.60 28.84
CA ASP A 279 -6.33 2.65 28.58
C ASP A 279 -7.73 2.12 28.29
N SER A 280 -8.04 0.88 28.71
CA SER A 280 -9.34 0.30 28.41
C SER A 280 -10.48 1.20 28.89
N TYR A 281 -10.36 1.75 30.10
CA TYR A 281 -11.41 2.57 30.68
C TYR A 281 -10.89 3.92 31.16
N ASP A 282 -9.76 3.91 31.89
CA ASP A 282 -9.18 5.14 32.44
C ASP A 282 -7.68 4.93 32.59
N ILE A 283 -6.89 5.53 31.69
CA ILE A 283 -5.44 5.34 31.71
C ILE A 283 -4.84 5.92 32.98
N TYR A 284 -5.28 7.11 33.39
CA TYR A 284 -4.69 7.78 34.54
C TYR A 284 -5.03 7.07 35.85
N ASN A 285 -6.21 6.43 35.92
CA ASN A 285 -6.56 5.67 37.12
C ASN A 285 -5.73 4.40 37.23
N ALA A 286 -5.50 3.73 36.10
CA ALA A 286 -4.72 2.50 36.14
C ALA A 286 -3.26 2.77 36.49
N CYS A 287 -2.74 3.94 36.13
CA CYS A 287 -1.35 4.24 36.45
C CYS A 287 -1.17 4.58 37.92
N GLU A 288 -2.10 5.36 38.49
CA GLU A 288 -1.94 5.84 39.86
C GLU A 288 -2.50 4.88 40.91
N LYS A 289 -3.64 4.26 40.66
CA LYS A 289 -4.29 3.41 41.66
C LYS A 289 -3.99 1.93 41.48
N ILE A 290 -4.02 1.40 40.24
CA ILE A 290 -3.82 -0.04 40.04
C ILE A 290 -2.34 -0.39 40.02
N TRP A 291 -1.57 0.19 39.09
CA TRP A 291 -0.14 -0.09 39.04
C TRP A 291 0.60 0.51 40.25
N GLY A 292 0.23 1.74 40.61
CA GLY A 292 0.96 2.49 41.62
C GLY A 292 0.57 2.26 43.06
N GLU A 293 -0.49 1.48 43.30
CA GLU A 293 -0.94 1.21 44.67
C GLU A 293 -1.32 -0.25 44.86
N ASP A 294 -2.33 -0.74 44.13
CA ASP A 294 -2.85 -2.09 44.36
C ASP A 294 -1.83 -3.16 44.01
N LEU A 295 -1.10 -3.00 42.91
CA LEU A 295 -0.16 -4.01 42.42
C LEU A 295 1.29 -3.54 42.48
N ARG A 296 1.60 -2.52 43.29
CA ARG A 296 2.95 -1.97 43.33
C ARG A 296 3.98 -2.99 43.79
N HIS A 297 3.58 -3.96 44.63
CA HIS A 297 4.53 -4.92 45.16
C HIS A 297 4.98 -5.94 44.12
N LEU A 298 4.20 -6.13 43.05
CA LEU A 298 4.60 -7.03 41.97
C LEU A 298 5.48 -6.33 40.93
N ILE A 299 5.65 -5.02 41.02
CA ILE A 299 6.43 -4.26 40.05
C ILE A 299 7.82 -3.95 40.58
N VAL A 300 7.93 -3.54 41.84
CA VAL A 300 9.23 -3.17 42.40
C VAL A 300 10.15 -4.37 42.63
N SER A 301 9.63 -5.59 42.48
CA SER A 301 10.44 -6.79 42.64
C SER A 301 10.96 -7.37 41.33
N ARG A 302 10.56 -6.80 40.19
CA ARG A 302 10.95 -7.30 38.88
C ARG A 302 12.41 -6.95 38.58
N SER A 303 13.00 -7.74 37.68
CA SER A 303 14.40 -7.59 37.32
C SER A 303 14.57 -6.53 36.24
N THR A 304 15.80 -5.99 36.17
CA THR A 304 16.14 -5.01 35.15
C THR A 304 16.04 -5.59 33.76
N GLN A 305 16.33 -6.89 33.60
CA GLN A 305 16.15 -7.57 32.32
C GLN A 305 14.69 -7.89 32.01
N ALA A 306 13.76 -7.64 32.93
CA ALA A 306 12.34 -7.94 32.73
C ALA A 306 11.49 -6.84 33.34
N PRO A 307 11.48 -5.66 32.75
CA PRO A 307 10.64 -4.57 33.26
C PRO A 307 9.18 -4.70 32.83
N LEU A 308 8.32 -3.97 33.53
CA LEU A 308 6.95 -3.77 33.08
C LEU A 308 6.91 -2.54 32.18
N ILE A 309 6.26 -2.66 31.03
CA ILE A 309 6.16 -1.58 30.05
C ILE A 309 4.69 -1.17 29.97
N ILE A 310 4.38 0.04 30.47
CA ILE A 310 3.01 0.56 30.42
C ILE A 310 2.77 1.17 29.05
N ARG A 311 1.66 0.82 28.42
CA ARG A 311 1.33 1.32 27.09
C ARG A 311 0.01 2.10 27.08
N PRO A 312 0.03 3.43 26.96
CA PRO A 312 -1.20 4.15 26.64
C PRO A 312 -1.52 4.01 25.15
N ASP A 313 -2.82 4.24 24.82
CA ASP A 313 -3.26 4.01 23.45
C ASP A 313 -4.35 4.98 22.98
N SER A 314 -4.53 6.14 23.60
CA SER A 314 -5.59 7.06 23.20
C SER A 314 -5.31 8.45 23.77
N GLY A 315 -6.03 9.44 23.24
CA GLY A 315 -5.84 10.82 23.63
C GLY A 315 -4.76 11.51 22.83
N ASN A 316 -4.48 12.75 23.23
CA ASN A 316 -3.40 13.52 22.61
C ASN A 316 -2.06 12.88 22.93
N PRO A 317 -1.25 12.54 21.92
CA PRO A 317 -0.01 11.78 22.19
C PRO A 317 0.95 12.47 23.14
N LEU A 318 1.19 13.78 22.99
CA LEU A 318 2.13 14.46 23.85
C LEU A 318 1.57 14.67 25.26
N ASP A 319 0.33 15.17 25.35
CA ASP A 319 -0.24 15.44 26.67
C ASP A 319 -0.36 14.17 27.49
N THR A 320 -0.70 13.05 26.85
CA THR A 320 -0.90 11.81 27.61
C THR A 320 0.43 11.29 28.15
N VAL A 321 1.48 11.35 27.35
CA VAL A 321 2.79 10.84 27.78
C VAL A 321 3.31 11.65 28.95
N LEU A 322 3.19 12.98 28.89
CA LEU A 322 3.69 13.83 29.95
C LEU A 322 2.94 13.58 31.26
N LYS A 323 1.62 13.43 31.19
CA LYS A 323 0.85 13.20 32.42
C LYS A 323 1.11 11.81 32.99
N VAL A 324 1.28 10.80 32.13
CA VAL A 324 1.61 9.45 32.61
C VAL A 324 2.93 9.46 33.37
N LEU A 325 3.92 10.23 32.89
CA LEU A 325 5.23 10.27 33.55
C LEU A 325 5.14 10.98 34.90
N GLU A 326 4.35 12.05 35.00
CA GLU A 326 4.22 12.76 36.27
C GLU A 326 3.55 11.87 37.32
N ILE A 327 2.56 11.09 36.92
CA ILE A 327 1.89 10.20 37.86
C ILE A 327 2.85 9.15 38.39
N LEU A 328 3.62 8.51 37.51
CA LEU A 328 4.52 7.45 37.95
C LEU A 328 5.67 8.01 38.76
N GLY A 329 6.09 9.24 38.46
CA GLY A 329 7.17 9.87 39.19
C GLY A 329 6.87 10.10 40.65
N LYS A 330 5.58 10.18 41.01
CA LYS A 330 5.14 10.37 42.39
C LYS A 330 4.80 9.08 43.11
N LYS A 331 4.75 7.95 42.39
CA LYS A 331 4.49 6.66 43.01
C LYS A 331 5.71 5.76 43.06
N PHE A 332 6.79 6.11 42.36
CA PHE A 332 8.00 5.29 42.26
C PHE A 332 9.22 6.17 42.45
N PRO A 333 10.33 5.60 42.93
CA PRO A 333 11.53 6.41 43.19
C PRO A 333 12.21 6.85 41.89
N VAL A 334 12.45 8.15 41.77
CA VAL A 334 13.06 8.73 40.57
C VAL A 334 14.49 9.17 40.90
N THR A 335 15.41 8.93 39.97
CA THR A 335 16.78 9.41 40.09
C THR A 335 17.05 10.48 39.03
N GLU A 336 18.22 11.10 39.15
CA GLU A 336 18.68 12.13 38.23
C GLU A 336 20.02 11.71 37.65
N ASN A 337 20.07 11.51 36.33
CA ASN A 337 21.29 11.00 35.68
C ASN A 337 22.35 12.10 35.61
N SER A 338 23.46 11.77 34.94
CA SER A 338 24.61 12.67 34.93
C SER A 338 24.35 13.94 34.13
N LYS A 339 23.36 13.93 33.24
CA LYS A 339 23.03 15.11 32.47
C LYS A 339 21.95 15.96 33.13
N GLY A 340 21.40 15.51 34.24
CA GLY A 340 20.37 16.23 34.96
C GLY A 340 18.93 15.86 34.62
N TYR A 341 18.71 14.77 33.88
CA TYR A 341 17.37 14.40 33.45
C TYR A 341 16.83 13.26 34.30
N LYS A 342 15.53 13.30 34.58
CA LYS A 342 14.87 12.33 35.46
C LYS A 342 14.76 10.97 34.80
N LEU A 343 14.84 9.92 35.63
CA LEU A 343 14.86 8.55 35.16
C LEU A 343 14.07 7.64 36.10
N LEU A 344 13.15 6.85 35.53
CA LEU A 344 12.37 5.87 36.27
C LEU A 344 13.28 4.75 36.79
N PRO A 345 12.81 3.96 37.76
CA PRO A 345 13.56 2.77 38.16
C PRO A 345 13.69 1.80 37.00
N PRO A 346 14.74 0.97 36.99
CA PRO A 346 15.00 0.10 35.83
C PRO A 346 13.95 -0.98 35.58
N TYR A 347 13.02 -1.21 36.51
CA TYR A 347 11.95 -2.17 36.30
C TYR A 347 10.66 -1.55 35.74
N LEU A 348 10.71 -0.29 35.27
CA LEU A 348 9.52 0.42 34.83
C LEU A 348 9.83 1.28 33.62
N ARG A 349 9.13 1.02 32.51
CA ARG A 349 9.31 1.78 31.28
C ARG A 349 7.95 2.09 30.65
N VAL A 350 7.97 2.82 29.54
CA VAL A 350 6.76 3.27 28.86
C VAL A 350 6.94 3.11 27.36
N ILE A 351 5.85 2.79 26.66
CA ILE A 351 5.84 2.72 25.21
C ILE A 351 4.57 3.42 24.71
N GLN A 352 4.72 4.24 23.69
CA GLN A 352 3.63 5.02 23.11
C GLN A 352 3.48 4.62 21.66
N GLY A 353 2.40 3.91 21.34
CA GLY A 353 2.20 3.37 20.00
C GLY A 353 0.89 3.74 19.31
N ASP A 354 0.39 4.95 19.57
CA ASP A 354 -0.84 5.45 18.96
C ASP A 354 -0.56 6.80 18.32
N GLY A 355 -0.91 6.94 17.04
CA GLY A 355 -0.72 8.20 16.35
C GLY A 355 0.71 8.68 16.17
N VAL A 356 1.66 7.77 15.98
CA VAL A 356 3.07 8.11 15.86
C VAL A 356 3.47 8.16 14.39
N ASP A 357 3.86 9.34 13.92
CA ASP A 357 4.59 9.44 12.65
C ASP A 357 5.84 10.28 12.86
N ILE A 358 6.52 10.65 11.77
CA ILE A 358 7.77 11.40 11.92
C ILE A 358 7.49 12.80 12.45
N ASN A 359 6.28 13.34 12.20
CA ASN A 359 5.96 14.67 12.70
C ASN A 359 5.73 14.64 14.20
N THR A 360 4.87 13.73 14.68
CA THR A 360 4.55 13.68 16.11
C THR A 360 5.69 13.10 16.94
N LEU A 361 6.55 12.26 16.34
CA LEU A 361 7.68 11.71 17.07
C LEU A 361 8.62 12.83 17.54
N GLN A 362 8.83 13.83 16.69
CA GLN A 362 9.66 14.97 17.06
C GLN A 362 8.99 15.83 18.12
N GLU A 363 7.66 15.99 18.05
CA GLU A 363 6.96 16.82 19.04
C GLU A 363 7.01 16.21 20.43
N ILE A 364 6.85 14.88 20.52
CA ILE A 364 6.87 14.21 21.81
C ILE A 364 8.25 14.30 22.44
N VAL A 365 9.30 14.01 21.65
CA VAL A 365 10.64 13.94 22.21
C VAL A 365 11.12 15.33 22.62
N GLU A 366 10.70 16.38 21.91
CA GLU A 366 11.08 17.73 22.30
C GLU A 366 10.36 18.16 23.58
N GLY A 367 9.08 17.81 23.71
CA GLY A 367 8.32 18.17 24.89
C GLY A 367 8.77 17.42 26.14
N MET A 368 9.20 16.15 25.98
CA MET A 368 9.79 15.42 27.09
C MET A 368 11.06 16.12 27.59
N LYS A 369 11.90 16.59 26.67
CA LYS A 369 13.12 17.28 27.08
C LYS A 369 12.81 18.58 27.81
N GLN A 370 11.73 19.27 27.41
CA GLN A 370 11.38 20.52 28.07
C GLN A 370 11.00 20.30 29.52
N LYS A 371 10.39 19.16 29.83
CA LYS A 371 10.01 18.85 31.20
C LYS A 371 11.07 18.04 31.95
N MET A 372 12.30 17.99 31.43
CA MET A 372 13.45 17.37 32.09
C MET A 372 13.32 15.84 32.25
N TRP A 373 12.59 15.18 31.35
CA TRP A 373 12.50 13.73 31.34
C TRP A 373 13.47 13.16 30.31
N SER A 374 14.17 12.10 30.67
CA SER A 374 15.15 11.49 29.78
C SER A 374 14.46 10.62 28.73
N ILE A 375 15.08 10.54 27.56
CA ILE A 375 14.57 9.64 26.50
C ILE A 375 14.78 8.17 26.83
N GLU A 376 15.62 7.85 27.83
CA GLU A 376 15.76 6.47 28.30
C GLU A 376 14.44 5.87 28.77
N ASN A 377 13.49 6.71 29.20
CA ASN A 377 12.28 6.20 29.83
C ASN A 377 11.27 5.64 28.83
N ILE A 378 11.43 5.92 27.53
CA ILE A 378 10.35 5.71 26.59
C ILE A 378 10.85 4.98 25.35
N ALA A 379 9.94 4.22 24.74
CA ALA A 379 10.08 3.71 23.39
C ALA A 379 8.82 4.07 22.62
N PHE A 380 8.86 3.88 21.30
CA PHE A 380 7.76 4.22 20.43
C PHE A 380 7.41 3.03 19.53
N GLY A 381 6.14 3.01 19.09
CA GLY A 381 5.68 2.09 18.07
C GLY A 381 4.83 2.81 17.04
N SER A 382 4.91 2.37 15.78
CA SER A 382 4.17 3.00 14.69
C SER A 382 3.64 1.94 13.73
N GLY A 383 2.45 2.19 13.19
CA GLY A 383 1.82 1.22 12.32
C GLY A 383 1.55 1.76 10.93
N GLY A 384 0.41 2.44 10.76
CA GLY A 384 0.07 2.98 9.45
C GLY A 384 1.01 4.08 8.98
N GLY A 385 1.55 4.86 9.91
CA GLY A 385 2.51 5.89 9.53
C GLY A 385 3.84 5.33 9.07
N LEU A 386 4.24 4.16 9.60
CA LEU A 386 5.53 3.58 9.23
C LEU A 386 5.49 2.87 7.89
N LEU A 387 4.37 2.19 7.56
CA LEU A 387 4.30 1.28 6.42
C LEU A 387 3.27 1.64 5.36
N GLN A 388 2.24 2.44 5.67
CA GLN A 388 1.18 2.67 4.69
C GLN A 388 1.06 4.10 4.20
N LYS A 389 1.29 5.10 5.07
CA LYS A 389 1.04 6.49 4.69
C LYS A 389 2.23 7.08 3.92
N LEU A 390 2.53 6.47 2.77
CA LEU A 390 3.66 6.86 1.94
C LEU A 390 3.27 6.70 0.48
N THR A 391 3.72 7.63 -0.37
CA THR A 391 3.42 7.57 -1.80
C THR A 391 4.68 7.77 -2.63
N ARG A 392 4.52 7.59 -3.94
CA ARG A 392 5.63 7.71 -4.86
C ARG A 392 6.08 9.15 -5.07
N ASP A 393 5.26 10.16 -4.77
CA ASP A 393 5.75 11.49 -5.03
C ASP A 393 6.39 12.16 -3.81
N LEU A 394 6.48 11.46 -2.68
CA LEU A 394 7.21 11.99 -1.53
C LEU A 394 8.68 12.17 -1.86
N LEU A 395 9.29 11.21 -2.56
CA LEU A 395 10.67 11.33 -3.03
C LEU A 395 10.80 11.53 -4.54
N ASN A 396 9.69 11.64 -5.27
CA ASN A 396 9.70 11.90 -6.71
C ASN A 396 10.51 10.84 -7.47
N CYS A 397 10.19 9.57 -7.21
CA CYS A 397 10.83 8.47 -7.92
C CYS A 397 10.33 8.41 -9.35
N SER A 398 11.24 8.27 -10.31
CA SER A 398 10.90 8.40 -11.72
C SER A 398 11.78 7.51 -12.60
N PHE A 399 11.20 7.06 -13.71
CA PHE A 399 11.86 6.20 -14.68
C PHE A 399 11.67 6.81 -16.05
N LYS A 400 12.77 7.14 -16.74
CA LYS A 400 12.70 7.84 -18.01
C LYS A 400 13.77 7.33 -18.96
N CYS A 401 13.48 7.45 -20.27
CA CYS A 401 14.44 7.15 -21.33
C CYS A 401 15.30 8.38 -21.57
N SER A 402 16.62 8.15 -21.72
CA SER A 402 17.59 9.22 -21.94
C SER A 402 18.53 8.99 -23.13
N TYR A 403 18.38 7.91 -23.88
CA TYR A 403 19.31 7.61 -24.97
C TYR A 403 18.79 6.50 -25.87
N VAL A 404 18.76 6.72 -27.19
CA VAL A 404 18.37 5.70 -28.15
C VAL A 404 19.38 5.70 -29.30
N VAL A 405 19.38 4.61 -30.06
CA VAL A 405 20.18 4.49 -31.27
C VAL A 405 19.23 4.15 -32.41
N THR A 406 19.30 4.92 -33.50
CA THR A 406 18.43 4.72 -34.66
C THR A 406 19.26 4.92 -35.93
N ASN A 407 19.13 3.98 -36.86
CA ASN A 407 19.92 3.94 -38.09
C ASN A 407 21.43 3.91 -37.81
N GLY A 408 21.83 3.40 -36.64
CA GLY A 408 23.23 3.33 -36.26
C GLY A 408 23.79 4.55 -35.57
N LEU A 409 22.99 5.58 -35.32
CA LEU A 409 23.44 6.82 -34.70
C LEU A 409 22.69 7.04 -33.40
N GLY A 410 23.43 7.27 -32.31
CA GLY A 410 22.82 7.51 -31.01
C GLY A 410 22.55 8.99 -30.79
N ILE A 411 21.44 9.28 -30.10
CA ILE A 411 21.00 10.64 -29.82
C ILE A 411 20.57 10.75 -28.36
N ASN A 412 20.61 11.97 -27.84
CA ASN A 412 20.17 12.26 -26.48
C ASN A 412 18.69 12.64 -26.49
N VAL A 413 17.90 11.96 -25.66
CA VAL A 413 16.47 12.23 -25.55
C VAL A 413 16.15 12.66 -24.12
N PHE A 414 15.11 13.47 -23.98
CA PHE A 414 14.78 14.08 -22.70
C PHE A 414 13.41 14.74 -22.82
N LYS A 415 12.79 14.97 -21.66
CA LYS A 415 11.55 15.73 -21.57
C LYS A 415 11.79 17.00 -20.77
N ASP A 416 10.97 18.05 -21.06
CA ASP A 416 11.16 19.35 -20.43
C ASP A 416 9.88 20.17 -20.51
N PRO A 417 8.88 19.89 -19.66
CA PRO A 417 7.61 20.62 -19.76
C PRO A 417 7.77 22.09 -19.39
N VAL A 418 7.08 22.95 -20.16
CA VAL A 418 7.22 24.39 -19.98
C VAL A 418 6.61 24.87 -18.66
N ALA A 419 5.62 24.15 -18.13
CA ALA A 419 4.95 24.55 -16.89
C ALA A 419 5.58 23.96 -15.64
N ASP A 420 6.60 23.11 -15.76
CA ASP A 420 7.20 22.47 -14.59
C ASP A 420 8.66 22.14 -14.88
N PRO A 421 9.58 23.06 -14.56
CA PRO A 421 11.01 22.76 -14.72
C PRO A 421 11.51 21.61 -13.85
N ASN A 422 10.78 21.26 -12.78
CA ASN A 422 11.20 20.16 -11.92
C ASN A 422 11.02 18.79 -12.58
N LYS A 423 10.19 18.69 -13.61
CA LYS A 423 9.99 17.45 -14.35
C LYS A 423 11.01 17.23 -15.46
N ARG A 424 11.97 18.13 -15.61
CA ARG A 424 13.01 17.98 -16.62
C ARG A 424 13.90 16.76 -16.30
N SER A 425 14.20 15.97 -17.32
CA SER A 425 14.95 14.73 -17.16
C SER A 425 16.37 14.88 -17.74
N LYS A 426 17.20 13.86 -17.52
CA LYS A 426 18.61 13.89 -17.90
C LYS A 426 18.82 13.31 -19.31
N LYS A 427 19.94 13.68 -19.93
CA LYS A 427 20.20 13.34 -21.33
C LYS A 427 21.41 12.42 -21.48
N GLY A 428 21.28 11.43 -22.37
CA GLY A 428 22.40 10.62 -22.78
C GLY A 428 22.80 9.58 -21.76
N ARG A 429 23.95 8.95 -22.03
CA ARG A 429 24.47 7.91 -21.15
C ARG A 429 24.99 8.51 -19.84
N LEU A 430 24.57 7.92 -18.72
CA LEU A 430 24.83 8.47 -17.40
C LEU A 430 25.86 7.64 -16.65
N SER A 431 26.46 8.28 -15.63
CA SER A 431 27.45 7.64 -14.78
C SER A 431 27.56 8.44 -13.47
N LEU A 432 27.88 7.75 -12.39
CA LEU A 432 27.94 8.33 -11.05
C LEU A 432 29.38 8.29 -10.54
N HIS A 433 29.85 9.40 -9.97
CA HIS A 433 31.25 9.51 -9.57
C HIS A 433 31.37 10.23 -8.23
N ARG A 434 32.57 10.13 -7.65
CA ARG A 434 32.93 10.84 -6.43
C ARG A 434 33.63 12.15 -6.79
N THR A 435 33.23 13.23 -6.12
CA THR A 435 33.88 14.53 -6.29
C THR A 435 35.16 14.61 -5.46
N PRO A 436 36.06 15.54 -5.79
CA PRO A 436 37.30 15.66 -5.00
C PRO A 436 37.07 15.94 -3.52
N ALA A 437 35.99 16.65 -3.16
CA ALA A 437 35.65 16.87 -1.77
C ALA A 437 34.95 15.68 -1.12
N GLY A 438 34.65 14.63 -1.88
CA GLY A 438 34.02 13.45 -1.32
C GLY A 438 32.51 13.37 -1.43
N ASN A 439 31.91 14.08 -2.38
CA ASN A 439 30.48 14.04 -2.60
C ASN A 439 30.19 13.30 -3.91
N PHE A 440 28.91 13.27 -4.29
CA PHE A 440 28.44 12.57 -5.48
C PHE A 440 28.09 13.56 -6.59
N VAL A 441 28.26 13.11 -7.83
CA VAL A 441 27.86 13.85 -9.02
C VAL A 441 27.49 12.84 -10.11
N THR A 442 26.42 13.14 -10.85
CA THR A 442 25.99 12.36 -12.00
C THR A 442 26.42 13.06 -13.29
N LEU A 443 27.23 12.38 -14.10
CA LEU A 443 27.69 12.91 -15.38
C LEU A 443 26.76 12.49 -16.51
N GLU A 444 26.45 13.43 -17.39
CA GLU A 444 25.51 13.21 -18.49
C GLU A 444 26.24 13.19 -19.83
N GLU A 445 25.50 12.76 -20.86
CA GLU A 445 25.95 12.76 -22.25
C GLU A 445 27.29 12.04 -22.43
N GLY A 446 27.44 10.92 -21.70
CA GLY A 446 28.60 10.07 -21.82
C GLY A 446 29.92 10.69 -21.40
N LYS A 447 29.86 11.84 -20.72
CA LYS A 447 31.07 12.55 -20.32
C LYS A 447 31.92 11.76 -19.35
N GLY A 448 31.35 10.75 -18.68
CA GLY A 448 32.15 9.89 -17.83
C GLY A 448 33.27 9.17 -18.54
N ASP A 449 33.20 9.04 -19.87
CA ASP A 449 34.27 8.39 -20.64
C ASP A 449 35.56 9.18 -20.60
N LEU A 450 35.51 10.47 -20.26
CA LEU A 450 36.72 11.29 -20.22
C LEU A 450 37.62 10.94 -19.04
N GLU A 451 37.11 10.22 -18.04
CA GLU A 451 37.91 9.75 -16.91
C GLU A 451 38.51 10.90 -16.13
N GLU A 452 37.77 12.00 -16.02
CA GLU A 452 38.19 13.14 -15.21
C GLU A 452 37.64 13.10 -13.79
N TYR A 453 36.71 12.19 -13.51
CA TYR A 453 36.07 12.08 -12.20
C TYR A 453 36.25 10.70 -11.59
N GLY A 454 37.19 9.92 -12.10
CA GLY A 454 37.42 8.59 -11.58
C GLY A 454 36.62 7.52 -12.29
N GLN A 455 36.21 6.49 -11.56
CA GLN A 455 35.51 5.35 -12.13
C GLN A 455 34.03 5.37 -11.74
N ASP A 456 33.22 4.73 -12.58
CA ASP A 456 31.78 4.66 -12.34
C ASP A 456 31.48 3.84 -11.09
N LEU A 457 30.58 4.34 -10.25
CA LEU A 457 30.23 3.67 -9.00
C LEU A 457 29.13 2.62 -9.16
N LEU A 458 28.39 2.63 -10.26
CA LEU A 458 27.37 1.61 -10.49
C LEU A 458 28.03 0.30 -10.90
N HIS A 459 27.34 -0.81 -10.62
CA HIS A 459 27.82 -2.16 -10.91
C HIS A 459 26.74 -2.92 -11.67
N THR A 460 27.15 -3.72 -12.66
CA THR A 460 26.23 -4.61 -13.35
C THR A 460 25.69 -5.65 -12.37
N VAL A 461 24.37 -5.65 -12.16
CA VAL A 461 23.73 -6.57 -11.23
C VAL A 461 22.84 -7.58 -11.93
N PHE A 462 22.53 -7.39 -13.22
CA PHE A 462 21.68 -8.30 -13.96
C PHE A 462 22.09 -8.24 -15.42
N LYS A 463 22.25 -9.40 -16.05
CA LYS A 463 22.62 -9.46 -17.46
C LYS A 463 22.13 -10.76 -18.05
N ASN A 464 21.32 -10.66 -19.11
CA ASN A 464 20.89 -11.80 -19.92
C ASN A 464 20.28 -12.90 -19.06
N GLY A 465 19.45 -12.53 -18.08
CA GLY A 465 18.68 -13.49 -17.32
C GLY A 465 19.31 -13.98 -16.03
N LYS A 466 20.46 -13.45 -15.64
CA LYS A 466 21.19 -13.94 -14.48
C LYS A 466 21.53 -12.77 -13.56
N VAL A 467 21.51 -13.04 -12.26
CA VAL A 467 21.98 -12.08 -11.27
C VAL A 467 23.49 -12.17 -11.19
N THR A 468 24.17 -11.06 -11.43
CA THR A 468 25.63 -11.04 -11.54
C THR A 468 26.33 -10.48 -10.30
N LYS A 469 25.60 -9.86 -9.37
CA LYS A 469 26.20 -9.37 -8.14
C LYS A 469 25.09 -9.15 -7.13
N SER A 470 25.36 -9.51 -5.87
CA SER A 470 24.35 -9.49 -4.81
C SER A 470 24.99 -9.04 -3.50
N TYR A 471 24.14 -8.70 -2.54
CA TYR A 471 24.58 -8.20 -1.24
C TYR A 471 23.79 -8.88 -0.14
N SER A 472 24.47 -9.10 1.00
CA SER A 472 23.80 -9.66 2.16
C SER A 472 23.16 -8.55 2.99
N PHE A 473 22.19 -8.94 3.81
CA PHE A 473 21.53 -7.95 4.67
C PHE A 473 22.49 -7.34 5.67
N ASP A 474 23.58 -8.04 6.00
CA ASP A 474 24.58 -7.47 6.89
C ASP A 474 25.36 -6.35 6.21
N GLU A 475 25.69 -6.51 4.93
CA GLU A 475 26.37 -5.44 4.21
C GLU A 475 25.45 -4.23 4.05
N ILE A 476 24.16 -4.48 3.83
CA ILE A 476 23.23 -3.38 3.60
C ILE A 476 23.09 -2.53 4.86
N ARG A 477 22.99 -3.17 6.03
CA ARG A 477 22.92 -2.43 7.30
C ARG A 477 24.16 -1.57 7.51
N LYS A 478 25.34 -2.14 7.26
CA LYS A 478 26.57 -1.38 7.43
C LYS A 478 26.57 -0.13 6.55
N ASN A 479 26.16 -0.27 5.28
CA ASN A 479 26.17 0.86 4.36
C ASN A 479 25.20 1.96 4.78
N ALA A 480 24.12 1.62 5.49
CA ALA A 480 23.06 2.54 5.84
C ALA A 480 23.22 3.16 7.22
N GLN A 481 24.38 3.00 7.87
CA GLN A 481 24.58 3.52 9.21
C GLN A 481 24.51 5.04 9.23
N LEU A 482 24.24 5.58 10.42
CA LEU A 482 24.22 7.02 10.62
C LEU A 482 25.65 7.54 10.70
N ASN A 483 25.79 8.85 10.48
CA ASN A 483 27.09 9.50 10.54
C ASN A 483 27.65 9.49 11.96
N GLU B 8 5.46 -21.98 0.51
CA GLU B 8 4.01 -21.89 0.60
C GLU B 8 3.58 -21.02 1.77
N PHE B 9 2.34 -20.53 1.71
CA PHE B 9 1.83 -19.68 2.78
C PHE B 9 1.60 -20.50 4.04
N ASN B 10 1.97 -19.93 5.18
CA ASN B 10 1.78 -20.56 6.49
C ASN B 10 0.94 -19.64 7.36
N ILE B 11 -0.30 -20.05 7.66
CA ILE B 11 -1.20 -19.26 8.51
C ILE B 11 -0.67 -19.11 9.93
N LEU B 12 0.21 -20.02 10.37
CA LEU B 12 0.85 -19.89 11.67
C LEU B 12 1.86 -18.77 11.74
N LEU B 13 2.27 -18.21 10.60
CA LEU B 13 3.22 -17.10 10.55
C LEU B 13 2.58 -15.83 10.00
N ALA B 14 1.25 -15.74 9.97
CA ALA B 14 0.58 -14.58 9.39
C ALA B 14 -0.25 -13.83 10.44
N THR B 15 0.34 -13.55 11.60
CA THR B 15 -0.34 -12.82 12.67
C THR B 15 0.65 -11.84 13.30
N ASP B 16 0.12 -10.92 14.09
CA ASP B 16 0.98 -10.06 14.89
C ASP B 16 1.71 -10.92 15.90
N SER B 17 3.02 -10.69 16.01
CA SER B 17 3.85 -11.41 16.95
C SER B 17 3.27 -11.60 18.34
N TYR B 18 2.76 -10.53 18.93
CA TYR B 18 2.25 -10.58 20.27
C TYR B 18 1.05 -11.48 20.53
N LYS B 19 0.26 -11.78 19.51
CA LYS B 19 -0.91 -12.60 19.62
C LYS B 19 -0.48 -14.04 19.91
N VAL B 20 0.75 -14.40 19.61
CA VAL B 20 1.27 -15.74 19.86
C VAL B 20 1.21 -16.04 21.36
N THR B 21 1.26 -15.01 22.19
CA THR B 21 1.26 -15.16 23.64
C THR B 21 -0.10 -14.94 24.28
N HIS B 22 -1.15 -14.69 23.50
CA HIS B 22 -2.44 -14.31 24.08
C HIS B 22 -3.20 -15.48 24.69
N TYR B 23 -2.91 -16.71 24.28
CA TYR B 23 -3.55 -17.86 24.91
C TYR B 23 -3.18 -17.99 26.39
N LYS B 24 -2.27 -17.18 26.90
CA LYS B 24 -1.92 -17.20 28.32
C LYS B 24 -2.44 -16.00 29.09
N GLN B 25 -3.31 -15.18 28.48
CA GLN B 25 -3.78 -13.96 29.12
C GLN B 25 -5.28 -13.90 29.32
N TYR B 26 -6.05 -14.68 28.56
CA TYR B 26 -7.50 -14.72 28.73
C TYR B 26 -7.87 -15.29 30.10
N PRO B 27 -9.06 -14.97 30.60
CA PRO B 27 -9.53 -15.59 31.84
C PRO B 27 -9.63 -17.09 31.69
N PRO B 28 -9.20 -17.85 32.71
CA PRO B 28 -9.39 -19.31 32.67
C PRO B 28 -10.87 -19.69 32.64
N ASN B 29 -11.13 -20.91 32.16
CA ASN B 29 -12.49 -21.45 32.02
C ASN B 29 -13.30 -20.64 30.99
N THR B 30 -12.65 -20.21 29.92
CA THR B 30 -13.29 -19.47 28.84
C THR B 30 -13.47 -20.39 27.63
N SER B 31 -14.71 -20.48 27.13
CA SER B 31 -15.05 -21.39 26.06
C SER B 31 -15.44 -20.71 24.75
N LYS B 32 -15.58 -19.39 24.72
CA LYS B 32 -16.06 -18.69 23.53
C LYS B 32 -15.53 -17.27 23.51
N VAL B 33 -15.05 -16.85 22.34
CA VAL B 33 -14.62 -15.48 22.07
C VAL B 33 -15.33 -15.01 20.80
N TYR B 34 -16.02 -13.88 20.88
CA TYR B 34 -16.88 -13.36 19.83
C TYR B 34 -16.47 -11.92 19.51
N SER B 35 -16.15 -11.64 18.25
CA SER B 35 -15.58 -10.36 17.81
C SER B 35 -16.27 -9.89 16.53
N TYR B 36 -16.18 -8.57 16.27
CA TYR B 36 -16.92 -7.96 15.16
C TYR B 36 -16.08 -6.86 14.49
N PHE B 37 -16.45 -6.54 13.25
CA PHE B 37 -15.76 -5.54 12.45
C PHE B 37 -16.72 -4.39 12.12
N GLU B 38 -16.22 -3.15 12.19
CA GLU B 38 -17.04 -2.00 11.83
C GLU B 38 -16.19 -0.87 11.27
N CYS B 39 -16.84 0.07 10.58
CA CYS B 39 -16.25 1.34 10.15
C CYS B 39 -16.77 2.41 11.10
N ARG B 40 -15.96 2.73 12.12
CA ARG B 40 -16.45 3.48 13.27
C ARG B 40 -16.87 4.90 12.90
N GLU B 41 -17.88 5.40 13.58
CA GLU B 41 -18.37 6.75 13.35
C GLU B 41 -17.34 7.78 13.83
N LYS B 42 -17.40 8.98 13.23
CA LYS B 42 -16.64 10.13 13.73
C LYS B 42 -17.55 11.25 14.20
N LYS B 53 -18.15 13.73 5.17
CA LYS B 53 -17.55 12.95 4.10
C LYS B 53 -17.47 11.47 4.47
N TYR B 54 -17.74 10.60 3.49
CA TYR B 54 -17.68 9.15 3.68
C TYR B 54 -18.67 8.70 4.76
N GLU B 55 -19.95 8.96 4.50
CA GLU B 55 -21.00 8.57 5.43
C GLU B 55 -21.52 7.16 5.18
N GLU B 56 -21.17 6.54 4.06
CA GLU B 56 -21.60 5.18 3.73
C GLU B 56 -20.47 4.44 3.03
N THR B 57 -20.36 3.15 3.29
CA THR B 57 -19.25 2.33 2.79
C THR B 57 -19.75 1.17 1.94
N VAL B 58 -18.97 0.84 0.91
CA VAL B 58 -19.20 -0.36 0.10
C VAL B 58 -18.41 -1.52 0.71
N PHE B 59 -19.12 -2.58 1.13
CA PHE B 59 -18.48 -3.77 1.67
C PHE B 59 -18.06 -4.68 0.52
N TYR B 60 -16.76 -4.91 0.37
CA TYR B 60 -16.24 -5.78 -0.69
C TYR B 60 -14.84 -6.26 -0.33
N GLY B 61 -14.52 -7.50 -0.66
CA GLY B 61 -13.17 -8.03 -0.58
C GLY B 61 -12.97 -9.20 0.36
N LEU B 62 -13.92 -9.46 1.26
CA LEU B 62 -13.77 -10.56 2.22
C LEU B 62 -13.69 -11.90 1.51
N GLN B 63 -14.46 -12.08 0.42
CA GLN B 63 -14.47 -13.37 -0.27
C GLN B 63 -13.08 -13.76 -0.78
N TYR B 64 -12.28 -12.78 -1.19
CA TYR B 64 -10.93 -13.05 -1.66
C TYR B 64 -10.05 -13.64 -0.56
N ILE B 65 -10.19 -13.15 0.67
CA ILE B 65 -9.37 -13.62 1.79
C ILE B 65 -9.80 -15.02 2.23
N LEU B 66 -11.11 -15.30 2.24
CA LEU B 66 -11.59 -16.60 2.69
C LEU B 66 -11.06 -17.73 1.81
N ASN B 67 -11.08 -17.56 0.50
CA ASN B 67 -10.62 -18.59 -0.43
C ASN B 67 -9.10 -18.73 -0.44
N LYS B 68 -8.38 -17.60 -0.46
CA LYS B 68 -6.93 -17.66 -0.67
C LYS B 68 -6.17 -18.07 0.58
N TYR B 69 -6.67 -17.72 1.77
CA TYR B 69 -5.88 -17.83 2.99
C TYR B 69 -6.50 -18.68 4.10
N LEU B 70 -7.83 -18.88 4.12
CA LEU B 70 -8.48 -19.45 5.29
C LEU B 70 -9.18 -20.79 5.07
N LYS B 71 -9.55 -21.14 3.85
CA LYS B 71 -10.33 -22.35 3.64
C LYS B 71 -9.44 -23.59 3.47
N GLY B 72 -10.04 -24.75 3.72
CA GLY B 72 -9.36 -26.01 3.48
C GLY B 72 -8.43 -26.42 4.60
N LYS B 73 -7.52 -27.33 4.26
CA LYS B 73 -6.53 -27.84 5.21
C LYS B 73 -5.36 -26.87 5.28
N VAL B 74 -5.29 -26.07 6.34
CA VAL B 74 -4.28 -25.03 6.48
C VAL B 74 -3.22 -25.38 7.49
N VAL B 75 -3.35 -26.50 8.19
CA VAL B 75 -2.40 -26.91 9.23
C VAL B 75 -1.76 -28.22 8.81
N THR B 76 -0.42 -28.27 8.84
CA THR B 76 0.35 -29.49 8.64
C THR B 76 1.38 -29.63 9.76
N LYS B 77 1.88 -30.87 9.91
CA LYS B 77 2.92 -31.12 10.91
C LYS B 77 4.18 -30.33 10.60
N GLU B 78 4.49 -30.15 9.32
CA GLU B 78 5.67 -29.38 8.93
C GLU B 78 5.46 -27.90 9.23
N LYS B 79 4.24 -27.39 9.03
CA LYS B 79 4.00 -25.97 9.30
C LYS B 79 4.03 -25.66 10.79
N ILE B 80 3.64 -26.63 11.63
CA ILE B 80 3.74 -26.45 13.08
C ILE B 80 5.20 -26.45 13.51
N GLN B 81 6.01 -27.36 12.94
CA GLN B 81 7.43 -27.41 13.30
C GLN B 81 8.17 -26.17 12.84
N GLU B 82 7.80 -25.59 11.69
CA GLU B 82 8.52 -24.40 11.24
C GLU B 82 8.17 -23.19 12.08
N ALA B 83 6.90 -23.06 12.51
CA ALA B 83 6.52 -21.97 13.39
C ALA B 83 7.23 -22.09 14.73
N LYS B 84 7.38 -23.31 15.24
CA LYS B 84 8.07 -23.51 16.51
C LYS B 84 9.53 -23.07 16.42
N ASP B 85 10.18 -23.34 15.29
CA ASP B 85 11.59 -22.98 15.13
C ASP B 85 11.78 -21.48 14.98
N VAL B 86 10.91 -20.82 14.21
CA VAL B 86 11.04 -19.39 14.01
C VAL B 86 10.78 -18.63 15.30
N TYR B 87 9.68 -18.95 15.98
CA TYR B 87 9.29 -18.22 17.18
C TYR B 87 10.26 -18.44 18.34
N LYS B 88 11.04 -19.52 18.31
CA LYS B 88 12.03 -19.74 19.37
C LYS B 88 13.11 -18.66 19.34
N GLU B 89 13.61 -18.30 18.16
CA GLU B 89 14.62 -17.25 18.08
C GLU B 89 14.00 -15.86 18.14
N HIS B 90 12.77 -15.71 17.67
CA HIS B 90 12.12 -14.39 17.66
C HIS B 90 11.91 -13.87 19.08
N PHE B 91 11.42 -14.73 19.98
CA PHE B 91 11.16 -14.36 21.36
C PHE B 91 12.31 -14.70 22.30
N GLN B 92 13.35 -15.39 21.81
CA GLN B 92 14.41 -15.91 22.67
C GLN B 92 13.83 -16.72 23.83
N ASP B 93 12.72 -17.40 23.58
CA ASP B 93 11.99 -18.14 24.61
C ASP B 93 11.00 -19.07 23.94
N ASP B 94 10.55 -20.06 24.69
CA ASP B 94 9.51 -21.00 24.24
C ASP B 94 8.15 -20.47 24.70
N VAL B 95 7.32 -20.06 23.75
CA VAL B 95 6.04 -19.45 24.07
C VAL B 95 4.97 -19.94 23.08
N PHE B 96 5.41 -20.60 22.02
CA PHE B 96 4.49 -21.05 20.98
C PHE B 96 3.52 -22.11 21.53
N ASN B 97 2.28 -22.06 21.04
CA ASN B 97 1.23 -22.99 21.50
C ASN B 97 1.14 -24.18 20.55
N GLU B 98 2.16 -25.04 20.63
CA GLU B 98 2.19 -26.23 19.80
C GLU B 98 1.05 -27.21 20.15
N LYS B 99 0.65 -27.24 21.42
CA LYS B 99 -0.42 -28.16 21.82
C LYS B 99 -1.77 -27.74 21.23
N GLY B 100 -2.07 -26.44 21.25
CA GLY B 100 -3.34 -25.99 20.70
C GLY B 100 -3.45 -26.16 19.19
N TRP B 101 -2.34 -26.01 18.47
CA TRP B 101 -2.38 -26.13 17.02
C TRP B 101 -2.39 -27.58 16.58
N ASN B 102 -1.86 -28.47 17.39
CA ASN B 102 -1.94 -29.90 17.08
C ASN B 102 -3.33 -30.47 17.29
N TYR B 103 -4.14 -29.86 18.18
CA TYR B 103 -5.53 -30.30 18.36
C TYR B 103 -6.36 -30.09 17.11
N ILE B 104 -6.13 -28.98 16.39
CA ILE B 104 -6.85 -28.73 15.15
C ILE B 104 -6.44 -29.72 14.07
N LEU B 105 -5.15 -30.07 14.02
CA LEU B 105 -4.68 -30.99 12.99
C LEU B 105 -5.27 -32.39 13.17
N GLU B 106 -5.27 -32.90 14.40
CA GLU B 106 -5.69 -34.28 14.64
C GLU B 106 -7.21 -34.46 14.62
N LYS B 107 -7.96 -33.43 14.99
CA LYS B 107 -9.41 -33.56 15.12
C LYS B 107 -10.17 -33.11 13.88
N TYR B 108 -9.72 -32.06 13.20
CA TYR B 108 -10.42 -31.52 12.05
C TYR B 108 -9.56 -31.55 10.79
N ASP B 109 -8.48 -32.34 10.79
CA ASP B 109 -7.61 -32.49 9.63
C ASP B 109 -7.08 -31.13 9.16
N GLY B 110 -6.81 -30.24 10.10
CA GLY B 110 -6.27 -28.93 9.78
C GLY B 110 -7.26 -27.87 9.34
N HIS B 111 -8.56 -28.14 9.48
CA HIS B 111 -9.60 -27.17 9.14
C HIS B 111 -9.92 -26.28 10.34
N LEU B 112 -10.06 -24.98 10.09
CA LEU B 112 -10.28 -24.03 11.17
C LEU B 112 -11.70 -24.13 11.71
N PRO B 113 -11.90 -24.33 13.03
CA PRO B 113 -13.27 -24.36 13.62
C PRO B 113 -13.78 -22.96 13.95
N ILE B 114 -14.19 -22.23 12.92
CA ILE B 114 -14.58 -20.83 13.02
C ILE B 114 -15.84 -20.62 12.18
N GLU B 115 -16.74 -19.76 12.65
CA GLU B 115 -17.91 -19.36 11.90
C GLU B 115 -17.90 -17.85 11.70
N ILE B 116 -18.02 -17.41 10.45
CA ILE B 116 -18.01 -16.00 10.09
C ILE B 116 -19.32 -15.64 9.40
N LYS B 117 -20.01 -14.63 9.91
CA LYS B 117 -21.21 -14.09 9.29
C LYS B 117 -20.93 -12.68 8.81
N ALA B 118 -21.35 -12.36 7.59
CA ALA B 118 -21.03 -11.08 6.97
C ALA B 118 -22.28 -10.41 6.41
N VAL B 119 -22.13 -9.25 5.78
CA VAL B 119 -23.21 -8.62 5.01
C VAL B 119 -22.90 -8.95 3.54
N PRO B 120 -23.90 -9.10 2.66
CA PRO B 120 -23.57 -9.44 1.26
C PRO B 120 -22.65 -8.41 0.61
N GLU B 121 -21.69 -8.90 -0.17
CA GLU B 121 -20.71 -8.01 -0.79
C GLU B 121 -21.38 -7.10 -1.80
N GLY B 122 -20.96 -5.84 -1.83
CA GLY B 122 -21.56 -4.81 -2.66
C GLY B 122 -22.50 -3.88 -1.93
N PHE B 123 -23.01 -4.30 -0.76
CA PHE B 123 -23.96 -3.52 0.02
C PHE B 123 -23.34 -2.18 0.44
N VAL B 124 -24.19 -1.15 0.50
CA VAL B 124 -23.81 0.19 0.91
C VAL B 124 -24.44 0.46 2.28
N ILE B 125 -23.60 0.62 3.30
CA ILE B 125 -24.03 0.67 4.70
C ILE B 125 -23.48 1.92 5.39
N PRO B 126 -24.30 2.65 6.14
CA PRO B 126 -23.80 3.84 6.85
C PRO B 126 -22.76 3.50 7.91
N ARG B 127 -22.00 4.51 8.29
CA ARG B 127 -20.93 4.33 9.26
C ARG B 127 -21.47 3.90 10.61
N GLY B 128 -20.70 3.05 11.30
CA GLY B 128 -21.00 2.67 12.66
C GLY B 128 -21.93 1.49 12.80
N ASN B 129 -21.94 0.58 11.83
CA ASN B 129 -22.76 -0.62 11.86
C ASN B 129 -21.87 -1.86 11.78
N VAL B 130 -22.40 -2.99 12.21
CA VAL B 130 -21.64 -4.24 12.16
C VAL B 130 -21.64 -4.75 10.73
N LEU B 131 -20.45 -5.04 10.20
CA LEU B 131 -20.29 -5.58 8.85
C LEU B 131 -20.01 -7.08 8.81
N PHE B 132 -19.27 -7.63 9.78
CA PHE B 132 -19.15 -9.08 9.92
C PHE B 132 -18.72 -9.44 11.34
N THR B 133 -19.01 -10.69 11.74
CA THR B 133 -18.68 -11.19 13.08
C THR B 133 -17.90 -12.49 12.96
N VAL B 134 -17.05 -12.75 13.96
CA VAL B 134 -16.18 -13.93 14.01
C VAL B 134 -16.31 -14.60 15.37
N GLU B 135 -16.37 -15.94 15.38
CA GLU B 135 -16.46 -16.71 16.62
C GLU B 135 -15.98 -18.14 16.38
N ASN B 136 -15.57 -18.79 17.47
CA ASN B 136 -15.09 -20.16 17.43
C ASN B 136 -16.21 -21.14 17.74
N THR B 137 -16.18 -22.30 17.07
CA THR B 137 -17.22 -23.31 17.22
C THR B 137 -16.80 -24.50 18.09
N ASP B 138 -15.59 -24.48 18.63
CA ASP B 138 -15.09 -25.52 19.53
C ASP B 138 -14.60 -24.86 20.81
N PRO B 139 -15.04 -25.33 21.98
CA PRO B 139 -14.61 -24.69 23.23
C PRO B 139 -13.10 -24.70 23.44
N GLU B 140 -12.39 -25.67 22.87
CA GLU B 140 -10.94 -25.71 23.03
C GLU B 140 -10.24 -24.58 22.25
N CYS B 141 -10.87 -24.05 21.21
CA CYS B 141 -10.22 -23.06 20.33
C CYS B 141 -10.69 -21.64 20.61
N TYR B 142 -10.87 -21.29 21.90
CA TYR B 142 -11.27 -19.94 22.25
C TYR B 142 -10.25 -18.91 21.77
N TRP B 143 -8.97 -19.28 21.69
CA TRP B 143 -7.89 -18.39 21.27
C TRP B 143 -7.84 -18.13 19.78
N LEU B 144 -8.57 -18.92 18.97
CA LEU B 144 -8.44 -18.84 17.52
C LEU B 144 -9.20 -17.67 16.91
N THR B 145 -10.20 -17.13 17.61
CA THR B 145 -11.02 -16.05 17.06
C THR B 145 -10.16 -14.84 16.72
N ASN B 146 -9.36 -14.35 17.67
CA ASN B 146 -8.56 -13.15 17.46
C ASN B 146 -7.20 -13.43 16.83
N TRP B 147 -6.80 -14.71 16.68
CA TRP B 147 -5.56 -15.01 15.98
C TRP B 147 -5.64 -14.53 14.53
N ILE B 148 -6.81 -14.65 13.92
CA ILE B 148 -7.00 -14.28 12.52
C ILE B 148 -7.50 -12.84 12.39
N GLU B 149 -7.37 -12.02 13.44
CA GLU B 149 -7.73 -10.61 13.31
C GLU B 149 -6.84 -9.92 12.27
N THR B 150 -5.52 -10.17 12.32
CA THR B 150 -4.61 -9.38 11.49
C THR B 150 -4.90 -9.59 10.01
N ILE B 151 -5.06 -10.85 9.58
CA ILE B 151 -5.37 -11.13 8.18
C ILE B 151 -6.74 -10.56 7.80
N LEU B 152 -7.72 -10.59 8.71
CA LEU B 152 -9.06 -10.14 8.36
C LEU B 152 -9.15 -8.62 8.29
N VAL B 153 -8.42 -7.90 9.15
CA VAL B 153 -8.50 -6.45 9.21
C VAL B 153 -8.02 -5.83 7.89
N GLN B 154 -7.14 -6.53 7.16
CA GLN B 154 -6.62 -6.04 5.88
C GLN B 154 -7.71 -5.89 4.82
N SER B 155 -8.95 -6.27 5.15
CA SER B 155 -10.06 -5.99 4.25
C SER B 155 -10.41 -4.50 4.20
N TRP B 156 -9.83 -3.68 5.10
CA TRP B 156 -10.03 -2.23 5.04
C TRP B 156 -9.59 -1.66 3.70
N TYR B 157 -8.64 -2.32 3.00
CA TYR B 157 -8.11 -1.72 1.78
C TYR B 157 -9.09 -1.82 0.61
N PRO B 158 -9.62 -3.00 0.25
CA PRO B 158 -10.66 -3.02 -0.81
C PRO B 158 -11.96 -2.33 -0.41
N ILE B 159 -12.30 -2.26 0.87
CA ILE B 159 -13.47 -1.46 1.26
C ILE B 159 -13.23 0.02 0.98
N THR B 160 -12.06 0.54 1.36
CA THR B 160 -11.78 1.98 1.19
C THR B 160 -11.57 2.33 -0.29
N VAL B 161 -10.94 1.46 -1.07
CA VAL B 161 -10.77 1.77 -2.50
C VAL B 161 -12.12 1.80 -3.20
N ALA B 162 -13.00 0.86 -2.87
CA ALA B 162 -14.30 0.80 -3.54
C ALA B 162 -15.21 1.94 -3.11
N THR B 163 -15.10 2.38 -1.84
CA THR B 163 -15.88 3.51 -1.36
C THR B 163 -15.37 4.82 -1.97
N ASN B 164 -14.06 5.07 -1.90
CA ASN B 164 -13.53 6.34 -2.43
C ASN B 164 -13.76 6.47 -3.94
N SER B 165 -13.73 5.36 -4.68
CA SER B 165 -14.02 5.42 -6.11
C SER B 165 -15.50 5.73 -6.37
N ARG B 166 -16.40 5.16 -5.57
CA ARG B 166 -17.83 5.41 -5.75
C ARG B 166 -18.19 6.87 -5.45
N GLU B 167 -17.56 7.47 -4.44
CA GLU B 167 -17.84 8.88 -4.16
C GLU B 167 -17.36 9.79 -5.29
N GLN B 168 -16.29 9.40 -6.01
CA GLN B 168 -15.88 10.18 -7.17
C GLN B 168 -16.84 9.98 -8.33
N LYS B 169 -17.50 8.82 -8.40
CA LYS B 169 -18.54 8.62 -9.40
C LYS B 169 -19.75 9.52 -9.13
N LYS B 170 -20.05 9.79 -7.85
CA LYS B 170 -21.17 10.67 -7.51
C LYS B 170 -20.93 12.09 -8.01
N ILE B 171 -19.71 12.58 -7.86
CA ILE B 171 -19.37 13.93 -8.32
C ILE B 171 -19.48 14.00 -9.84
N LEU B 172 -18.92 13.01 -10.54
CA LEU B 172 -18.96 13.00 -11.99
C LEU B 172 -20.39 12.92 -12.52
N ALA B 173 -21.22 12.10 -11.87
CA ALA B 173 -22.61 11.94 -12.30
C ALA B 173 -23.42 13.22 -12.12
N LYS B 174 -23.11 13.99 -11.08
CA LYS B 174 -23.86 15.21 -10.83
C LYS B 174 -23.60 16.26 -11.91
N TYR B 175 -22.33 16.50 -12.24
CA TYR B 175 -21.99 17.54 -13.22
C TYR B 175 -22.23 17.10 -14.66
N LEU B 176 -22.10 15.80 -14.97
CA LEU B 176 -22.45 15.32 -16.30
C LEU B 176 -23.94 15.49 -16.56
N LEU B 177 -24.79 15.26 -15.55
CA LEU B 177 -26.23 15.40 -15.73
C LEU B 177 -26.64 16.86 -15.86
N GLU B 178 -25.95 17.76 -15.16
CA GLU B 178 -26.32 19.17 -15.24
C GLU B 178 -25.98 19.77 -16.60
N THR B 179 -24.82 19.44 -17.16
CA THR B 179 -24.36 20.10 -18.37
C THR B 179 -24.75 19.38 -19.66
N SER B 180 -25.17 18.12 -19.60
CA SER B 180 -25.48 17.34 -20.80
C SER B 180 -26.92 16.85 -20.85
N GLY B 181 -27.50 16.49 -19.70
CA GLY B 181 -28.86 16.01 -19.66
C GLY B 181 -29.01 14.51 -19.56
N ASN B 182 -27.91 13.77 -19.45
CA ASN B 182 -27.96 12.32 -19.30
C ASN B 182 -26.65 11.87 -18.65
N LEU B 183 -26.45 10.55 -18.58
CA LEU B 183 -25.25 9.97 -18.00
C LEU B 183 -24.48 9.08 -18.97
N ASP B 184 -24.58 9.37 -20.27
CA ASP B 184 -23.92 8.57 -21.28
C ASP B 184 -22.40 8.62 -21.10
N GLY B 185 -21.77 7.46 -21.12
CA GLY B 185 -20.32 7.39 -20.97
C GLY B 185 -19.80 7.63 -19.58
N LEU B 186 -20.68 7.62 -18.56
CA LEU B 186 -20.25 7.89 -17.19
C LEU B 186 -19.24 6.86 -16.71
N GLU B 187 -19.45 5.58 -17.05
CA GLU B 187 -18.70 4.51 -16.43
C GLU B 187 -17.35 4.25 -17.11
N TYR B 188 -16.81 5.24 -17.83
CA TYR B 188 -15.39 5.23 -18.16
C TYR B 188 -14.84 6.65 -18.16
N LYS B 189 -15.30 7.48 -17.22
CA LYS B 189 -14.75 8.81 -17.01
C LYS B 189 -13.59 8.84 -16.03
N LEU B 190 -13.27 7.71 -15.38
CA LEU B 190 -12.15 7.62 -14.44
C LEU B 190 -11.34 6.37 -14.74
N HIS B 191 -10.14 6.53 -15.30
CA HIS B 191 -9.27 5.41 -15.62
C HIS B 191 -8.21 5.21 -14.54
N ASP B 192 -7.87 3.94 -14.30
CA ASP B 192 -6.92 3.55 -13.26
C ASP B 192 -5.51 3.53 -13.83
N PHE B 193 -4.67 4.48 -13.39
CA PHE B 193 -3.27 4.58 -13.80
C PHE B 193 -2.29 4.13 -12.71
N GLY B 194 -2.74 3.30 -11.77
CA GLY B 194 -2.01 3.12 -10.52
C GLY B 194 -1.06 1.94 -10.39
N TYR B 195 -0.84 1.17 -11.46
CA TYR B 195 -0.03 -0.04 -11.36
C TYR B 195 1.37 0.24 -10.79
N ARG B 196 2.06 1.22 -11.36
CA ARG B 196 3.42 1.47 -10.92
C ARG B 196 3.50 2.25 -9.61
N GLY B 197 2.39 2.88 -9.18
CA GLY B 197 2.38 3.68 -7.98
C GLY B 197 1.96 2.97 -6.69
N VAL B 198 1.77 1.65 -6.72
CA VAL B 198 1.37 0.91 -5.52
C VAL B 198 2.57 0.19 -4.93
N SER B 199 2.37 -0.47 -3.78
CA SER B 199 3.48 -0.99 -2.99
C SER B 199 3.91 -2.39 -3.38
N SER B 200 3.10 -3.15 -4.12
CA SER B 200 3.46 -4.53 -4.46
C SER B 200 2.53 -5.03 -5.57
N GLN B 201 2.91 -6.19 -6.15
CA GLN B 201 2.07 -6.83 -7.16
C GLN B 201 0.72 -7.26 -6.59
N GLU B 202 0.70 -7.85 -5.39
CA GLU B 202 -0.57 -8.32 -4.83
C GLU B 202 -1.51 -7.14 -4.57
N THR B 203 -0.97 -6.01 -4.11
CA THR B 203 -1.79 -4.83 -3.85
C THR B 203 -2.43 -4.32 -5.15
N ALA B 204 -1.67 -4.33 -6.25
CA ALA B 204 -2.20 -3.86 -7.53
C ALA B 204 -3.41 -4.66 -7.96
N GLY B 205 -3.37 -5.99 -7.79
CA GLY B 205 -4.51 -6.81 -8.20
C GLY B 205 -5.76 -6.56 -7.37
N ILE B 206 -5.59 -6.43 -6.04
CA ILE B 206 -6.74 -6.21 -5.17
C ILE B 206 -7.32 -4.81 -5.37
N GLY B 207 -6.46 -3.80 -5.49
CA GLY B 207 -6.93 -2.43 -5.61
C GLY B 207 -7.64 -2.15 -6.93
N ALA B 208 -7.10 -2.66 -8.04
CA ALA B 208 -7.76 -2.47 -9.32
C ALA B 208 -9.10 -3.19 -9.41
N SER B 209 -9.27 -4.28 -8.65
CA SER B 209 -10.56 -4.97 -8.64
C SER B 209 -11.61 -4.17 -7.88
N ALA B 210 -11.22 -3.52 -6.79
CA ALA B 210 -12.17 -2.70 -6.05
C ALA B 210 -12.63 -1.50 -6.87
N HIS B 211 -11.75 -0.97 -7.74
CA HIS B 211 -12.15 0.13 -8.63
C HIS B 211 -13.12 -0.32 -9.72
N LEU B 212 -12.98 -1.56 -10.23
CA LEU B 212 -13.88 -2.06 -11.25
C LEU B 212 -15.27 -2.36 -10.71
N VAL B 213 -15.49 -2.23 -9.40
CA VAL B 213 -16.84 -2.31 -8.88
C VAL B 213 -17.67 -1.12 -9.37
N ASN B 214 -17.03 0.03 -9.62
CA ASN B 214 -17.71 1.26 -9.98
C ASN B 214 -17.48 1.73 -11.42
N PHE B 215 -16.34 1.42 -12.01
CA PHE B 215 -16.03 1.89 -13.35
C PHE B 215 -15.60 0.73 -14.24
N LYS B 216 -15.20 1.03 -15.48
CA LYS B 216 -14.90 0.01 -16.47
C LYS B 216 -13.51 0.08 -17.10
N GLY B 217 -12.77 1.17 -16.95
CA GLY B 217 -11.47 1.32 -17.60
C GLY B 217 -10.32 1.14 -16.63
N THR B 218 -9.35 0.31 -17.04
CA THR B 218 -8.22 0.03 -16.18
C THR B 218 -6.99 -0.29 -17.02
N ASP B 219 -5.84 0.21 -16.58
CA ASP B 219 -4.57 -0.08 -17.18
C ASP B 219 -3.82 -1.09 -16.30
N THR B 220 -4.31 -1.33 -15.10
CA THR B 220 -3.70 -2.27 -14.14
C THR B 220 -4.22 -3.67 -14.46
N VAL B 221 -3.41 -4.42 -15.20
CA VAL B 221 -3.79 -5.73 -15.75
C VAL B 221 -4.08 -6.75 -14.64
N ALA B 222 -3.44 -6.60 -13.48
CA ALA B 222 -3.49 -7.64 -12.47
C ALA B 222 -4.90 -7.86 -11.94
N GLY B 223 -5.77 -6.86 -12.01
CA GLY B 223 -7.11 -6.98 -11.46
C GLY B 223 -8.03 -7.89 -12.25
N LEU B 224 -7.72 -8.14 -13.53
CA LEU B 224 -8.59 -8.97 -14.34
C LEU B 224 -8.56 -10.43 -13.88
N ALA B 225 -7.37 -10.99 -13.69
CA ALA B 225 -7.27 -12.39 -13.30
C ALA B 225 -7.82 -12.65 -11.90
N LEU B 226 -7.69 -11.67 -11.00
CA LEU B 226 -8.22 -11.84 -9.65
C LEU B 226 -9.74 -12.02 -9.67
N ILE B 227 -10.43 -11.21 -10.46
CA ILE B 227 -11.89 -11.27 -10.47
C ILE B 227 -12.39 -12.60 -11.02
N LYS B 228 -11.76 -13.10 -12.09
CA LYS B 228 -12.23 -14.35 -12.69
C LYS B 228 -11.97 -15.55 -11.79
N LYS B 229 -10.89 -15.51 -11.00
CA LYS B 229 -10.51 -16.66 -10.16
C LYS B 229 -11.32 -16.74 -8.87
N TYR B 230 -11.66 -15.59 -8.28
CA TYR B 230 -12.33 -15.57 -6.99
C TYR B 230 -13.77 -15.07 -7.04
N TYR B 231 -14.22 -14.50 -8.15
CA TYR B 231 -15.56 -13.94 -8.24
C TYR B 231 -16.28 -14.38 -9.51
N GLY B 232 -15.72 -14.06 -10.66
CA GLY B 232 -16.26 -14.49 -11.94
C GLY B 232 -17.24 -13.49 -12.54
N THR B 233 -17.35 -13.53 -13.86
CA THR B 233 -18.25 -12.64 -14.57
C THR B 233 -18.72 -13.31 -15.87
N LYS B 234 -19.91 -12.91 -16.32
CA LYS B 234 -20.45 -13.44 -17.57
C LYS B 234 -19.64 -12.94 -18.77
N ASP B 235 -19.23 -11.67 -18.75
CA ASP B 235 -18.40 -11.15 -19.82
C ASP B 235 -17.01 -11.79 -19.77
N PRO B 236 -16.30 -11.80 -20.91
CA PRO B 236 -14.91 -12.31 -20.89
C PRO B 236 -14.00 -11.57 -19.93
N VAL B 237 -14.06 -10.24 -19.90
CA VAL B 237 -13.20 -9.45 -19.01
C VAL B 237 -14.00 -8.31 -18.40
N PRO B 238 -13.64 -7.92 -17.18
CA PRO B 238 -14.33 -6.79 -16.52
C PRO B 238 -13.79 -5.41 -16.85
N GLY B 239 -12.65 -5.31 -17.55
CA GLY B 239 -12.03 -4.02 -17.81
C GLY B 239 -11.41 -3.97 -19.19
N TYR B 240 -11.34 -2.76 -19.74
CA TYR B 240 -10.87 -2.57 -21.11
C TYR B 240 -9.91 -1.39 -21.16
N SER B 241 -9.25 -1.23 -22.30
CA SER B 241 -8.29 -0.15 -22.50
C SER B 241 -8.15 0.13 -23.99
N VAL B 242 -7.50 1.25 -24.31
CA VAL B 242 -7.24 1.68 -25.67
C VAL B 242 -5.77 2.08 -25.79
N PRO B 243 -5.22 2.09 -27.00
CA PRO B 243 -3.80 2.41 -27.16
C PRO B 243 -3.48 3.85 -26.75
N ALA B 244 -2.28 4.04 -26.19
CA ALA B 244 -1.86 5.34 -25.73
C ALA B 244 -0.34 5.40 -25.74
N ALA B 245 0.18 6.62 -25.79
CA ALA B 245 1.62 6.88 -25.82
C ALA B 245 2.14 7.32 -24.46
N GLU B 246 3.47 7.23 -24.30
CA GLU B 246 4.18 7.71 -23.12
C GLU B 246 5.30 8.65 -23.56
N HIS B 247 5.99 9.25 -22.59
CA HIS B 247 7.01 10.23 -22.93
C HIS B 247 8.19 9.60 -23.65
N SER B 248 8.42 8.30 -23.49
CA SER B 248 9.53 7.67 -24.20
C SER B 248 9.24 7.55 -25.69
N THR B 249 8.00 7.23 -26.08
CA THR B 249 7.72 7.02 -27.50
C THR B 249 7.56 8.31 -28.27
N ILE B 250 7.51 9.45 -27.59
CA ILE B 250 7.55 10.76 -28.23
C ILE B 250 8.97 11.32 -28.29
N THR B 251 9.67 11.34 -27.14
CA THR B 251 11.00 11.95 -27.09
C THR B 251 12.05 11.17 -27.88
N ALA B 252 11.83 9.88 -28.12
CA ALA B 252 12.79 9.07 -28.87
C ALA B 252 13.00 9.57 -30.30
N TRP B 253 12.06 10.35 -30.84
CA TRP B 253 12.18 10.88 -32.20
C TRP B 253 13.13 12.08 -32.28
N GLY B 254 13.45 12.68 -31.16
CA GLY B 254 14.28 13.87 -31.16
C GLY B 254 13.46 15.12 -30.90
N LYS B 255 14.12 16.12 -30.30
CA LYS B 255 13.44 17.35 -29.91
C LYS B 255 12.80 18.06 -31.09
N ASP B 256 13.47 18.04 -32.24
CA ASP B 256 12.97 18.76 -33.42
C ASP B 256 11.91 18.00 -34.19
N HIS B 257 11.57 16.77 -33.82
CA HIS B 257 10.68 15.94 -34.64
C HIS B 257 9.43 15.50 -33.87
N GLU B 258 8.93 16.35 -32.97
CA GLU B 258 7.71 16.00 -32.24
C GLU B 258 6.54 15.79 -33.20
N LYS B 259 6.44 16.63 -34.23
CA LYS B 259 5.36 16.49 -35.20
C LYS B 259 5.44 15.16 -35.96
N ASP B 260 6.65 14.67 -36.23
CA ASP B 260 6.79 13.36 -36.88
C ASP B 260 6.26 12.24 -36.01
N ALA B 261 6.49 12.33 -34.68
CA ALA B 261 5.99 11.28 -33.79
C ALA B 261 4.47 11.34 -33.68
N PHE B 262 3.89 12.54 -33.68
CA PHE B 262 2.43 12.65 -33.62
C PHE B 262 1.77 12.06 -34.87
N GLU B 263 2.29 12.41 -36.05
CA GLU B 263 1.68 11.91 -37.28
C GLU B 263 1.77 10.40 -37.37
N HIS B 264 2.91 9.83 -36.98
CA HIS B 264 3.11 8.39 -37.09
C HIS B 264 2.14 7.62 -36.20
N ILE B 265 1.89 8.11 -34.98
CA ILE B 265 1.11 7.35 -34.02
C ILE B 265 -0.38 7.38 -34.35
N VAL B 266 -0.90 8.53 -34.77
CA VAL B 266 -2.32 8.58 -35.14
C VAL B 266 -2.57 7.82 -36.44
N THR B 267 -1.55 7.63 -37.28
CA THR B 267 -1.71 6.85 -38.51
C THR B 267 -1.66 5.36 -38.22
N GLN B 268 -0.78 4.91 -37.31
CA GLN B 268 -0.78 3.50 -36.92
C GLN B 268 -2.09 3.10 -36.24
N PHE B 269 -2.76 4.04 -35.56
CA PHE B 269 -4.00 3.73 -34.88
C PHE B 269 -5.13 4.63 -35.38
N SER B 270 -5.37 4.62 -36.70
CA SER B 270 -6.36 5.50 -37.30
C SER B 270 -7.78 4.98 -37.19
N SER B 271 -7.98 3.74 -36.75
CA SER B 271 -9.31 3.15 -36.70
C SER B 271 -9.84 2.92 -35.30
N VAL B 272 -9.02 3.14 -34.27
CA VAL B 272 -9.45 3.01 -32.87
C VAL B 272 -9.12 4.30 -32.14
N PRO B 273 -9.74 4.54 -30.99
CA PRO B 273 -9.33 5.68 -30.16
C PRO B 273 -7.86 5.59 -29.77
N VAL B 274 -7.22 6.76 -29.64
CA VAL B 274 -5.80 6.81 -29.30
C VAL B 274 -5.54 8.05 -28.45
N SER B 275 -4.81 7.88 -27.35
CA SER B 275 -4.39 8.96 -26.47
C SER B 275 -2.93 9.31 -26.74
N VAL B 276 -2.61 10.61 -26.78
CA VAL B 276 -1.25 11.08 -27.11
C VAL B 276 -0.85 12.17 -26.12
N VAL B 277 0.14 11.87 -25.27
CA VAL B 277 0.67 12.86 -24.33
C VAL B 277 1.37 13.97 -25.12
N SER B 278 1.07 15.23 -24.79
CA SER B 278 1.48 16.34 -25.64
C SER B 278 2.22 17.44 -24.88
N ASP B 279 2.71 17.16 -23.67
CA ASP B 279 3.39 18.16 -22.84
C ASP B 279 4.90 17.92 -22.73
N SER B 280 5.49 17.18 -23.69
CA SER B 280 6.92 16.88 -23.59
C SER B 280 7.77 18.14 -23.53
N TYR B 281 7.42 19.16 -24.33
CA TYR B 281 8.20 20.39 -24.39
C TYR B 281 7.34 21.62 -24.16
N ASP B 282 6.21 21.71 -24.88
CA ASP B 282 5.29 22.85 -24.76
C ASP B 282 3.90 22.36 -25.14
N ILE B 283 3.05 22.16 -24.13
CA ILE B 283 1.71 21.61 -24.36
C ILE B 283 0.86 22.57 -25.17
N TYR B 284 0.93 23.87 -24.88
CA TYR B 284 0.09 24.84 -25.58
C TYR B 284 0.56 25.04 -27.02
N ASN B 285 1.86 24.90 -27.28
CA ASN B 285 2.35 24.92 -28.66
C ASN B 285 1.81 23.74 -29.43
N ALA B 286 1.77 22.56 -28.80
CA ALA B 286 1.33 21.36 -29.48
C ALA B 286 -0.15 21.43 -29.84
N CYS B 287 -0.98 21.99 -28.96
CA CYS B 287 -2.41 22.03 -29.24
C CYS B 287 -2.72 23.04 -30.34
N GLU B 288 -2.12 24.23 -30.28
CA GLU B 288 -2.48 25.30 -31.21
C GLU B 288 -1.81 25.14 -32.57
N LYS B 289 -0.52 24.82 -32.59
CA LYS B 289 0.26 24.78 -33.83
C LYS B 289 0.38 23.39 -34.44
N ILE B 290 0.60 22.34 -33.64
CA ILE B 290 0.83 21.01 -34.19
C ILE B 290 -0.48 20.30 -34.49
N TRP B 291 -1.31 20.09 -33.46
CA TRP B 291 -2.63 19.51 -33.67
C TRP B 291 -3.53 20.45 -34.44
N GLY B 292 -3.53 21.73 -34.07
CA GLY B 292 -4.52 22.65 -34.58
C GLY B 292 -4.22 23.29 -35.91
N GLU B 293 -3.04 23.03 -36.48
CA GLU B 293 -2.66 23.59 -37.78
C GLU B 293 -1.93 22.58 -38.65
N ASP B 294 -0.74 22.16 -38.22
CA ASP B 294 0.11 21.30 -39.05
C ASP B 294 -0.55 19.97 -39.35
N LEU B 295 -1.17 19.35 -38.35
CA LEU B 295 -1.79 18.03 -38.47
C LEU B 295 -3.31 18.07 -38.40
N ARG B 296 -3.91 19.25 -38.59
CA ARG B 296 -5.35 19.38 -38.47
C ARG B 296 -6.10 18.49 -39.45
N HIS B 297 -5.53 18.25 -40.64
CA HIS B 297 -6.21 17.46 -41.66
C HIS B 297 -6.33 15.99 -41.31
N LEU B 298 -5.47 15.47 -40.44
CA LEU B 298 -5.55 14.07 -40.03
C LEU B 298 -6.48 13.86 -38.85
N ILE B 299 -7.02 14.93 -38.28
CA ILE B 299 -7.90 14.85 -37.13
C ILE B 299 -9.37 15.00 -37.52
N VAL B 300 -9.69 15.97 -38.38
CA VAL B 300 -11.09 16.22 -38.75
C VAL B 300 -11.69 15.06 -39.54
N SER B 301 -10.86 14.18 -40.11
CA SER B 301 -11.33 13.05 -40.88
C SER B 301 -11.62 11.81 -40.02
N ARG B 302 -11.27 11.83 -38.74
CA ARG B 302 -11.42 10.66 -37.89
C ARG B 302 -12.90 10.39 -37.58
N SER B 303 -13.17 9.15 -37.19
CA SER B 303 -14.53 8.68 -36.94
C SER B 303 -14.96 8.97 -35.50
N THR B 304 -16.27 9.09 -35.31
CA THR B 304 -16.81 9.29 -33.96
C THR B 304 -16.47 8.13 -33.04
N GLN B 305 -16.28 6.93 -33.60
CA GLN B 305 -15.88 5.76 -32.81
C GLN B 305 -14.37 5.69 -32.55
N ALA B 306 -13.59 6.63 -33.10
CA ALA B 306 -12.13 6.59 -32.98
C ALA B 306 -11.58 8.01 -32.93
N PRO B 307 -11.85 8.73 -31.84
CA PRO B 307 -11.38 10.12 -31.75
C PRO B 307 -9.92 10.21 -31.30
N LEU B 308 -9.38 11.43 -31.39
CA LEU B 308 -8.08 11.74 -30.80
C LEU B 308 -8.30 12.27 -29.39
N ILE B 309 -7.52 11.75 -28.44
CA ILE B 309 -7.62 12.14 -27.04
C ILE B 309 -6.30 12.80 -26.65
N ILE B 310 -6.30 14.13 -26.55
CA ILE B 310 -5.10 14.88 -26.17
C ILE B 310 -4.92 14.76 -24.66
N ARG B 311 -3.69 14.51 -24.23
CA ARG B 311 -3.38 14.25 -22.83
C ARG B 311 -2.34 15.23 -22.30
N PRO B 312 -2.74 16.27 -21.58
CA PRO B 312 -1.77 17.05 -20.80
C PRO B 312 -1.31 16.27 -19.57
N ASP B 313 -0.14 16.68 -19.03
CA ASP B 313 0.48 15.91 -17.95
C ASP B 313 1.31 16.76 -16.98
N SER B 314 1.14 18.07 -16.95
CA SER B 314 1.94 18.90 -16.04
C SER B 314 1.22 20.22 -15.84
N GLY B 315 1.73 21.00 -14.89
CA GLY B 315 1.15 22.28 -14.54
C GLY B 315 0.02 22.17 -13.54
N ASN B 316 -0.60 23.31 -13.27
CA ASN B 316 -1.80 23.35 -12.42
C ASN B 316 -2.94 22.59 -13.11
N PRO B 317 -3.53 21.59 -12.46
CA PRO B 317 -4.53 20.76 -13.16
C PRO B 317 -5.73 21.54 -13.69
N LEU B 318 -6.28 22.45 -12.90
CA LEU B 318 -7.45 23.19 -13.36
C LEU B 318 -7.07 24.23 -14.43
N ASP B 319 -5.99 24.97 -14.19
CA ASP B 319 -5.61 26.02 -15.14
C ASP B 319 -5.20 25.44 -16.48
N THR B 320 -4.60 24.25 -16.50
CA THR B 320 -4.15 23.69 -17.76
C THR B 320 -5.31 23.16 -18.59
N VAL B 321 -6.30 22.56 -17.94
CA VAL B 321 -7.47 22.05 -18.66
C VAL B 321 -8.26 23.20 -19.28
N LEU B 322 -8.42 24.30 -18.56
CA LEU B 322 -9.18 25.43 -19.10
C LEU B 322 -8.47 26.07 -20.28
N LYS B 323 -7.17 26.30 -20.16
CA LYS B 323 -6.41 26.90 -21.24
C LYS B 323 -6.39 25.98 -22.47
N VAL B 324 -6.31 24.66 -22.26
CA VAL B 324 -6.35 23.72 -23.37
C VAL B 324 -7.69 23.82 -24.12
N LEU B 325 -8.81 23.83 -23.38
CA LEU B 325 -10.12 23.90 -24.02
C LEU B 325 -10.29 25.20 -24.81
N GLU B 326 -9.74 26.31 -24.31
CA GLU B 326 -9.86 27.58 -25.03
C GLU B 326 -9.08 27.56 -26.34
N ILE B 327 -7.88 26.97 -26.31
CA ILE B 327 -7.07 26.86 -27.53
C ILE B 327 -7.79 26.01 -28.57
N LEU B 328 -8.31 24.85 -28.16
CA LEU B 328 -8.95 23.96 -29.12
C LEU B 328 -10.24 24.56 -29.67
N GLY B 329 -10.98 25.30 -28.84
CA GLY B 329 -12.21 25.91 -29.28
C GLY B 329 -12.04 26.94 -30.38
N LYS B 330 -10.84 27.53 -30.49
CA LYS B 330 -10.55 28.51 -31.54
C LYS B 330 -10.01 27.87 -32.82
N LYS B 331 -9.63 26.60 -32.78
CA LYS B 331 -9.09 25.90 -33.94
C LYS B 331 -10.04 24.87 -34.53
N PHE B 332 -11.09 24.50 -33.82
CA PHE B 332 -12.05 23.49 -34.25
C PHE B 332 -13.47 23.99 -34.04
N PRO B 333 -14.42 23.52 -34.85
CA PRO B 333 -15.81 24.03 -34.74
C PRO B 333 -16.49 23.58 -33.46
N VAL B 334 -17.03 24.54 -32.72
CA VAL B 334 -17.70 24.28 -31.46
C VAL B 334 -19.20 24.40 -31.65
N THR B 335 -19.96 23.50 -31.01
CA THR B 335 -21.41 23.58 -30.97
C THR B 335 -21.88 23.83 -29.53
N GLU B 336 -23.17 24.15 -29.40
CA GLU B 336 -23.81 24.41 -28.12
C GLU B 336 -24.95 23.40 -27.95
N ASN B 337 -24.90 22.61 -26.88
CA ASN B 337 -25.90 21.57 -26.70
C ASN B 337 -27.19 22.16 -26.13
N SER B 338 -28.14 21.27 -25.81
CA SER B 338 -29.47 21.72 -25.42
C SER B 338 -29.48 22.38 -24.04
N LYS B 339 -28.45 22.12 -23.24
CA LYS B 339 -28.33 22.77 -21.94
C LYS B 339 -27.56 24.08 -22.01
N GLY B 340 -27.09 24.48 -23.19
CA GLY B 340 -26.37 25.72 -23.33
C GLY B 340 -24.86 25.64 -23.19
N TYR B 341 -24.29 24.43 -23.02
CA TYR B 341 -22.86 24.27 -22.79
C TYR B 341 -22.14 23.91 -24.08
N LYS B 342 -20.90 24.38 -24.20
CA LYS B 342 -20.10 24.18 -25.40
C LYS B 342 -19.61 22.74 -25.50
N LEU B 343 -19.45 22.28 -26.74
CA LEU B 343 -19.08 20.89 -27.03
C LEU B 343 -18.11 20.86 -28.21
N LEU B 344 -17.04 20.07 -28.06
CA LEU B 344 -16.07 19.86 -29.12
C LEU B 344 -16.64 18.92 -30.19
N PRO B 345 -16.05 18.90 -31.38
CA PRO B 345 -16.48 17.92 -32.38
C PRO B 345 -16.26 16.52 -31.87
N PRO B 346 -17.05 15.54 -32.36
CA PRO B 346 -16.98 14.18 -31.80
C PRO B 346 -15.65 13.48 -32.01
N TYR B 347 -14.82 13.91 -32.94
CA TYR B 347 -13.54 13.25 -33.20
C TYR B 347 -12.40 13.77 -32.33
N LEU B 348 -12.68 14.60 -31.32
CA LEU B 348 -11.63 15.22 -30.50
C LEU B 348 -12.07 15.31 -29.04
N ARG B 349 -11.27 14.75 -28.13
CA ARG B 349 -11.56 14.79 -26.70
C ARG B 349 -10.27 15.02 -25.93
N VAL B 350 -10.37 15.03 -24.59
CA VAL B 350 -9.26 15.35 -23.71
C VAL B 350 -9.29 14.41 -22.50
N ILE B 351 -8.11 13.98 -22.06
CA ILE B 351 -7.96 13.19 -20.84
C ILE B 351 -6.93 13.87 -19.95
N GLN B 352 -7.28 14.06 -18.67
CA GLN B 352 -6.39 14.68 -17.68
C GLN B 352 -6.02 13.63 -16.65
N GLY B 353 -4.74 13.27 -16.58
CA GLY B 353 -4.31 12.23 -15.68
C GLY B 353 -3.12 12.54 -14.80
N ASP B 354 -2.96 13.79 -14.39
CA ASP B 354 -1.89 14.22 -13.51
C ASP B 354 -2.49 14.97 -12.33
N GLY B 355 -2.05 14.63 -11.12
CA GLY B 355 -2.53 15.31 -9.91
C GLY B 355 -4.01 15.21 -9.64
N VAL B 356 -4.62 14.05 -9.91
CA VAL B 356 -6.06 13.87 -9.80
C VAL B 356 -6.36 13.04 -8.55
N ASP B 357 -7.08 13.65 -7.60
CA ASP B 357 -7.69 12.89 -6.51
C ASP B 357 -9.15 13.29 -6.37
N ILE B 358 -9.80 12.90 -5.28
CA ILE B 358 -11.21 13.26 -5.11
C ILE B 358 -11.36 14.77 -4.90
N ASN B 359 -10.37 15.40 -4.27
CA ASN B 359 -10.45 16.84 -4.04
C ASN B 359 -10.28 17.62 -5.34
N THR B 360 -9.25 17.31 -6.11
CA THR B 360 -8.98 18.04 -7.35
C THR B 360 -10.03 17.74 -8.42
N LEU B 361 -10.58 16.53 -8.42
CA LEU B 361 -11.62 16.19 -9.39
C LEU B 361 -12.82 17.11 -9.25
N GLN B 362 -13.20 17.45 -8.01
CA GLN B 362 -14.32 18.35 -7.78
C GLN B 362 -13.97 19.77 -8.23
N GLU B 363 -12.72 20.21 -8.01
CA GLU B 363 -12.32 21.55 -8.41
C GLU B 363 -12.33 21.72 -9.93
N ILE B 364 -12.02 20.66 -10.68
CA ILE B 364 -11.93 20.74 -12.13
C ILE B 364 -13.32 20.83 -12.77
N VAL B 365 -14.22 19.91 -12.41
CA VAL B 365 -15.54 19.92 -13.03
C VAL B 365 -16.31 21.19 -12.67
N GLU B 366 -16.13 21.71 -11.45
CA GLU B 366 -16.81 22.96 -11.09
C GLU B 366 -16.25 24.14 -11.87
N GLY B 367 -14.94 24.15 -12.12
CA GLY B 367 -14.35 25.21 -12.92
C GLY B 367 -14.78 25.14 -14.38
N MET B 368 -14.81 23.92 -14.95
CA MET B 368 -15.31 23.74 -16.31
C MET B 368 -16.76 24.22 -16.43
N LYS B 369 -17.58 23.97 -15.41
CA LYS B 369 -18.98 24.39 -15.46
C LYS B 369 -19.11 25.91 -15.42
N GLN B 370 -18.26 26.59 -14.65
CA GLN B 370 -18.33 28.05 -14.60
C GLN B 370 -17.94 28.68 -15.93
N LYS B 371 -17.10 28.01 -16.71
CA LYS B 371 -16.67 28.51 -18.01
C LYS B 371 -17.56 28.01 -19.15
N MET B 372 -18.69 27.37 -18.83
CA MET B 372 -19.70 26.91 -19.78
C MET B 372 -19.20 25.79 -20.69
N TRP B 373 -18.28 24.95 -20.19
CA TRP B 373 -17.79 23.79 -20.91
C TRP B 373 -18.48 22.54 -20.36
N SER B 374 -18.94 21.67 -21.25
CA SER B 374 -19.65 20.48 -20.82
C SER B 374 -18.68 19.38 -20.39
N ILE B 375 -19.13 18.55 -19.44
CA ILE B 375 -18.32 17.43 -18.97
C ILE B 375 -18.17 16.34 -20.01
N GLU B 376 -18.97 16.39 -21.09
CA GLU B 376 -18.82 15.43 -22.19
C GLU B 376 -17.42 15.48 -22.80
N ASN B 377 -16.77 16.65 -22.76
CA ASN B 377 -15.48 16.83 -23.45
C ASN B 377 -14.32 16.12 -22.76
N ILE B 378 -14.44 15.77 -21.48
CA ILE B 378 -13.29 15.39 -20.68
C ILE B 378 -13.54 14.07 -19.98
N ALA B 379 -12.46 13.34 -19.75
CA ALA B 379 -12.41 12.17 -18.87
C ALA B 379 -11.19 12.32 -17.97
N PHE B 380 -11.04 11.40 -17.01
CA PHE B 380 -9.99 11.55 -16.00
C PHE B 380 -9.24 10.23 -15.83
N GLY B 381 -8.00 10.36 -15.34
CA GLY B 381 -7.18 9.23 -14.94
C GLY B 381 -6.45 9.51 -13.63
N SER B 382 -6.29 8.50 -12.78
CA SER B 382 -5.69 8.69 -11.46
C SER B 382 -4.83 7.49 -11.11
N GLY B 383 -3.67 7.75 -10.52
CA GLY B 383 -2.74 6.70 -10.16
C GLY B 383 -2.60 6.50 -8.66
N GLY B 384 -1.63 7.20 -8.05
CA GLY B 384 -1.42 7.08 -6.62
C GLY B 384 -2.61 7.54 -5.79
N GLY B 385 -3.35 8.55 -6.26
CA GLY B 385 -4.52 8.99 -5.53
C GLY B 385 -5.62 7.94 -5.48
N LEU B 386 -5.73 7.11 -6.53
CA LEU B 386 -6.80 6.11 -6.58
C LEU B 386 -6.48 4.85 -5.79
N LEU B 387 -5.21 4.43 -5.76
CA LEU B 387 -4.84 3.13 -5.20
C LEU B 387 -3.84 3.16 -4.04
N GLN B 388 -3.16 4.28 -3.78
CA GLN B 388 -2.12 4.25 -2.76
C GLN B 388 -2.31 5.27 -1.66
N LYS B 389 -2.92 6.42 -1.94
CA LYS B 389 -3.02 7.47 -0.93
C LYS B 389 -4.21 7.25 0.00
N LEU B 390 -4.28 6.07 0.62
CA LEU B 390 -5.39 5.73 1.51
C LEU B 390 -4.87 4.92 2.69
N THR B 391 -5.47 5.14 3.86
CA THR B 391 -5.08 4.48 5.10
C THR B 391 -6.29 3.90 5.81
N ARG B 392 -6.00 3.12 6.86
CA ARG B 392 -7.04 2.43 7.62
C ARG B 392 -7.84 3.37 8.53
N ASP B 393 -7.33 4.55 8.83
CA ASP B 393 -8.11 5.47 9.65
C ASP B 393 -9.00 6.41 8.84
N LEU B 394 -8.97 6.32 7.52
CA LEU B 394 -9.89 7.12 6.71
C LEU B 394 -11.34 6.81 7.05
N LEU B 395 -11.69 5.52 7.11
CA LEU B 395 -13.02 5.08 7.53
C LEU B 395 -13.03 4.48 8.94
N ASN B 396 -11.92 4.52 9.68
CA ASN B 396 -11.83 4.01 11.05
C ASN B 396 -12.26 2.55 11.14
N CYS B 397 -11.67 1.71 10.28
CA CYS B 397 -11.96 0.28 10.32
C CYS B 397 -11.34 -0.35 11.55
N SER B 398 -12.15 -1.08 12.33
CA SER B 398 -11.72 -1.60 13.63
C SER B 398 -12.33 -2.96 13.89
N PHE B 399 -11.63 -3.74 14.71
CA PHE B 399 -11.98 -5.13 15.02
C PHE B 399 -11.84 -5.30 16.53
N LYS B 400 -12.94 -5.67 17.21
CA LYS B 400 -12.96 -5.72 18.67
C LYS B 400 -13.85 -6.85 19.16
N CYS B 401 -13.46 -7.42 20.30
CA CYS B 401 -14.24 -8.48 20.95
C CYS B 401 -15.40 -7.86 21.73
N SER B 402 -16.60 -8.46 21.58
CA SER B 402 -17.81 -7.94 22.19
C SER B 402 -18.57 -8.93 23.07
N TYR B 403 -18.15 -10.19 23.15
CA TYR B 403 -18.89 -11.20 23.88
C TYR B 403 -17.97 -12.39 24.19
N VAL B 404 -18.00 -12.84 25.45
CA VAL B 404 -17.24 -14.02 25.87
C VAL B 404 -18.12 -14.86 26.79
N VAL B 405 -17.78 -16.16 26.87
CA VAL B 405 -18.46 -17.09 27.76
C VAL B 405 -17.42 -17.68 28.72
N THR B 406 -17.59 -17.43 30.01
CA THR B 406 -16.68 -17.91 31.05
C THR B 406 -17.46 -18.67 32.11
N ASN B 407 -17.00 -19.89 32.42
CA ASN B 407 -17.67 -20.77 33.39
C ASN B 407 -19.12 -21.05 33.00
N GLY B 408 -19.42 -21.01 31.70
CA GLY B 408 -20.76 -21.27 31.20
C GLY B 408 -21.72 -20.11 31.22
N LEU B 409 -21.27 -18.91 31.61
CA LEU B 409 -22.11 -17.73 31.67
C LEU B 409 -21.54 -16.66 30.75
N GLY B 410 -22.40 -16.10 29.90
CA GLY B 410 -21.97 -15.09 28.94
C GLY B 410 -22.01 -13.69 29.52
N ILE B 411 -21.04 -12.86 29.15
CA ILE B 411 -21.00 -11.46 29.54
C ILE B 411 -20.69 -10.59 28.33
N ASN B 412 -21.09 -9.33 28.41
CA ASN B 412 -20.79 -8.35 27.36
C ASN B 412 -19.48 -7.64 27.69
N VAL B 413 -18.61 -7.51 26.70
CA VAL B 413 -17.30 -6.89 26.86
C VAL B 413 -17.18 -5.71 25.88
N PHE B 414 -16.48 -4.67 26.30
CA PHE B 414 -16.36 -3.45 25.52
C PHE B 414 -15.16 -2.66 26.03
N LYS B 415 -14.75 -1.66 25.23
CA LYS B 415 -13.77 -0.68 25.67
C LYS B 415 -14.38 0.71 25.63
N ASP B 416 -13.83 1.60 26.47
CA ASP B 416 -14.33 2.98 26.54
C ASP B 416 -13.27 3.92 27.12
N PRO B 417 -12.25 4.29 26.33
CA PRO B 417 -11.19 5.15 26.89
C PRO B 417 -11.76 6.49 27.35
N VAL B 418 -11.27 6.97 28.49
CA VAL B 418 -11.81 8.19 29.08
C VAL B 418 -11.50 9.41 28.21
N ALA B 419 -10.33 9.44 27.56
CA ALA B 419 -9.91 10.60 26.80
C ALA B 419 -10.43 10.63 25.35
N ASP B 420 -11.20 9.63 24.92
CA ASP B 420 -11.69 9.59 23.54
C ASP B 420 -12.94 8.73 23.47
N PRO B 421 -14.11 9.33 23.61
CA PRO B 421 -15.38 8.59 23.42
C PRO B 421 -15.58 8.04 22.01
N ASN B 422 -14.80 8.48 21.02
CA ASN B 422 -14.96 7.96 19.68
C ASN B 422 -14.46 6.53 19.53
N LYS B 423 -13.66 6.04 20.49
CA LYS B 423 -13.13 4.68 20.43
C LYS B 423 -13.96 3.69 21.25
N ARG B 424 -15.13 4.09 21.71
CA ARG B 424 -16.02 3.18 22.42
C ARG B 424 -16.53 2.09 21.48
N SER B 425 -16.57 0.86 21.97
CA SER B 425 -17.00 -0.31 21.19
C SER B 425 -18.34 -0.83 21.68
N LYS B 426 -18.98 -1.65 20.86
CA LYS B 426 -20.33 -2.18 21.12
C LYS B 426 -20.27 -3.40 22.04
N LYS B 427 -21.42 -3.74 22.63
CA LYS B 427 -21.50 -4.76 23.67
C LYS B 427 -22.39 -5.92 23.24
N GLY B 428 -21.93 -7.14 23.53
CA GLY B 428 -22.76 -8.32 23.37
C GLY B 428 -22.85 -8.84 21.94
N ARG B 429 -23.76 -9.79 21.76
CA ARG B 429 -24.03 -10.36 20.45
C ARG B 429 -24.78 -9.36 19.59
N LEU B 430 -24.40 -9.27 18.31
CA LEU B 430 -24.85 -8.20 17.43
C LEU B 430 -25.66 -8.76 16.26
N SER B 431 -26.50 -7.90 15.69
CA SER B 431 -27.32 -8.23 14.53
C SER B 431 -27.70 -6.94 13.81
N LEU B 432 -27.81 -7.02 12.49
CA LEU B 432 -28.10 -5.88 11.62
C LEU B 432 -29.50 -6.02 11.03
N HIS B 433 -30.29 -4.94 11.07
CA HIS B 433 -31.68 -5.01 10.62
C HIS B 433 -32.05 -3.75 9.85
N ARG B 434 -33.20 -3.82 9.18
CA ARG B 434 -33.77 -2.67 8.50
C ARG B 434 -34.73 -1.95 9.42
N THR B 435 -34.71 -0.62 9.37
CA THR B 435 -35.62 0.20 10.14
C THR B 435 -36.97 0.32 9.41
N PRO B 436 -38.03 0.73 10.11
CA PRO B 436 -39.31 0.91 9.41
C PRO B 436 -39.27 1.92 8.28
N ALA B 437 -38.41 2.94 8.36
CA ALA B 437 -38.27 3.93 7.31
C ALA B 437 -37.28 3.52 6.22
N GLY B 438 -36.75 2.30 6.28
CA GLY B 438 -35.85 1.82 5.25
C GLY B 438 -34.38 2.09 5.45
N ASN B 439 -33.95 2.37 6.68
CA ASN B 439 -32.54 2.56 7.01
C ASN B 439 -32.02 1.32 7.74
N PHE B 440 -30.84 1.44 8.33
CA PHE B 440 -30.18 0.33 8.99
C PHE B 440 -30.01 0.62 10.48
N VAL B 441 -29.95 -0.46 11.26
CA VAL B 441 -29.69 -0.36 12.69
C VAL B 441 -29.02 -1.63 13.15
N THR B 442 -28.03 -1.49 14.04
CA THR B 442 -27.31 -2.60 14.65
C THR B 442 -27.79 -2.75 16.09
N LEU B 443 -28.31 -3.92 16.43
CA LEU B 443 -28.83 -4.21 17.78
C LEU B 443 -27.75 -4.91 18.62
N GLU B 444 -27.66 -4.52 19.89
CA GLU B 444 -26.65 -5.03 20.80
C GLU B 444 -27.29 -5.90 21.89
N GLU B 445 -26.43 -6.57 22.66
CA GLU B 445 -26.82 -7.40 23.80
C GLU B 445 -27.81 -8.50 23.42
N GLY B 446 -27.68 -9.04 22.22
CA GLY B 446 -28.58 -10.09 21.76
C GLY B 446 -30.02 -9.68 21.60
N LYS B 447 -30.33 -8.38 21.57
CA LYS B 447 -31.70 -7.92 21.46
C LYS B 447 -32.35 -8.26 20.13
N GLY B 448 -31.58 -8.72 19.14
CA GLY B 448 -32.17 -9.15 17.89
C GLY B 448 -33.06 -10.37 18.02
N ASP B 449 -32.91 -11.14 19.10
CA ASP B 449 -33.72 -12.33 19.32
C ASP B 449 -35.16 -12.00 19.65
N LEU B 450 -35.46 -10.74 20.02
CA LEU B 450 -36.83 -10.35 20.32
C LEU B 450 -37.71 -10.32 19.09
N GLU B 451 -37.14 -10.40 17.88
CA GLU B 451 -37.90 -10.48 16.63
C GLU B 451 -38.78 -9.26 16.42
N GLU B 452 -38.27 -8.09 16.79
CA GLU B 452 -39.01 -6.84 16.58
C GLU B 452 -38.56 -6.08 15.34
N TYR B 453 -37.44 -6.48 14.72
CA TYR B 453 -36.83 -5.74 13.62
C TYR B 453 -36.65 -6.60 12.38
N GLY B 454 -37.36 -7.70 12.28
CA GLY B 454 -37.27 -8.51 11.08
C GLY B 454 -36.09 -9.46 11.10
N GLN B 455 -35.58 -9.74 9.90
CA GLN B 455 -34.55 -10.76 9.73
C GLN B 455 -33.15 -10.13 9.76
N ASP B 456 -32.25 -10.79 10.48
CA ASP B 456 -30.85 -10.36 10.51
C ASP B 456 -30.26 -10.39 9.11
N LEU B 457 -29.72 -9.26 8.66
CA LEU B 457 -29.17 -9.17 7.31
C LEU B 457 -27.80 -9.83 7.17
N LEU B 458 -27.24 -10.35 8.25
CA LEU B 458 -25.96 -11.04 8.19
C LEU B 458 -26.17 -12.50 7.80
N HIS B 459 -25.23 -13.04 7.03
CA HIS B 459 -25.29 -14.39 6.49
C HIS B 459 -24.00 -15.14 6.80
N THR B 460 -24.10 -16.44 7.06
CA THR B 460 -22.93 -17.27 7.31
C THR B 460 -22.16 -17.50 6.00
N VAL B 461 -20.95 -16.96 5.92
CA VAL B 461 -20.11 -17.12 4.73
C VAL B 461 -19.00 -18.15 4.90
N PHE B 462 -18.67 -18.53 6.14
CA PHE B 462 -17.57 -19.46 6.41
C PHE B 462 -17.91 -20.23 7.68
N LYS B 463 -17.68 -21.54 7.66
CA LYS B 463 -17.89 -22.38 8.83
C LYS B 463 -17.05 -23.64 8.71
N ASN B 464 -16.18 -23.89 9.69
CA ASN B 464 -15.43 -25.14 9.85
C ASN B 464 -14.62 -25.48 8.61
N GLY B 465 -14.01 -24.46 8.01
CA GLY B 465 -13.08 -24.66 6.90
C GLY B 465 -13.69 -24.69 5.52
N LYS B 466 -14.99 -24.40 5.39
CA LYS B 466 -15.65 -24.40 4.10
C LYS B 466 -16.36 -23.06 3.89
N VAL B 467 -16.30 -22.55 2.66
CA VAL B 467 -17.04 -21.36 2.27
C VAL B 467 -18.47 -21.77 1.93
N THR B 468 -19.43 -21.27 2.71
CA THR B 468 -20.81 -21.74 2.63
C THR B 468 -21.70 -20.87 1.75
N LYS B 469 -21.22 -19.72 1.29
CA LYS B 469 -22.04 -18.83 0.48
C LYS B 469 -21.11 -17.86 -0.24
N SER B 470 -21.32 -17.71 -1.55
CA SER B 470 -20.47 -16.89 -2.41
C SER B 470 -21.33 -15.92 -3.22
N TYR B 471 -20.65 -14.94 -3.83
CA TYR B 471 -21.30 -13.97 -4.68
C TYR B 471 -20.48 -13.77 -5.95
N SER B 472 -21.17 -13.52 -7.05
CA SER B 472 -20.48 -13.23 -8.29
C SER B 472 -20.17 -11.75 -8.39
N PHE B 473 -19.16 -11.41 -9.20
CA PHE B 473 -18.84 -10.01 -9.42
C PHE B 473 -19.99 -9.27 -10.09
N ASP B 474 -20.91 -10.00 -10.73
CA ASP B 474 -22.07 -9.36 -11.33
C ASP B 474 -23.05 -8.87 -10.27
N GLU B 475 -23.34 -9.71 -9.27
CA GLU B 475 -24.25 -9.24 -8.22
C GLU B 475 -23.63 -8.11 -7.41
N ILE B 476 -22.30 -8.10 -7.26
CA ILE B 476 -21.66 -7.07 -6.45
C ILE B 476 -21.78 -5.70 -7.12
N ARG B 477 -21.55 -5.64 -8.43
CA ARG B 477 -21.73 -4.37 -9.14
C ARG B 477 -23.15 -3.85 -9.00
N LYS B 478 -24.14 -4.75 -9.02
CA LYS B 478 -25.53 -4.32 -8.94
C LYS B 478 -25.86 -3.78 -7.55
N ASN B 479 -25.33 -4.41 -6.50
CA ASN B 479 -25.58 -3.94 -5.14
C ASN B 479 -25.00 -2.56 -4.87
N ALA B 480 -23.96 -2.16 -5.60
CA ALA B 480 -23.26 -0.90 -5.33
C ALA B 480 -23.70 0.24 -6.25
N GLN B 481 -24.81 0.08 -6.97
N GLN B 481 -24.82 0.08 -6.95
CA GLN B 481 -25.29 1.10 -7.89
CA GLN B 481 -25.30 1.09 -7.89
C GLN B 481 -25.58 2.40 -7.16
C GLN B 481 -25.61 2.41 -7.17
N LEU B 482 -25.59 3.49 -7.94
CA LEU B 482 -26.03 4.78 -7.42
C LEU B 482 -27.56 4.82 -7.41
N ASN B 483 -28.10 5.71 -6.57
CA ASN B 483 -29.55 5.87 -6.45
C ASN B 483 -30.19 6.34 -7.75
P PO4 C . 6.50 11.05 -13.09
O1 PO4 C . 7.69 10.15 -12.91
O2 PO4 C . 6.90 12.24 -13.94
O3 PO4 C . 5.37 10.32 -13.76
O4 PO4 C . 6.04 11.56 -11.73
C1 GOL D . -3.36 1.28 17.84
O1 GOL D . -2.00 0.87 17.96
C2 GOL D . -3.48 2.79 18.08
O2 GOL D . -4.57 3.02 18.94
C3 GOL D . -3.74 3.50 16.77
O3 GOL D . -5.12 3.42 16.43
C1 GOL E . 28.74 5.51 0.49
O1 GOL E . 28.74 6.78 1.09
C2 GOL E . 28.75 4.45 1.59
O2 GOL E . 29.95 4.60 2.31
C3 GOL E . 27.56 4.69 2.52
O3 GOL E . 26.36 4.67 1.78
C1 GOL F . 16.75 -3.14 44.54
O1 GOL F . 16.96 -1.79 44.16
C2 GOL F . 15.29 -3.39 44.88
O2 GOL F . 14.95 -4.74 44.64
C3 GOL F . 14.39 -2.47 44.06
O3 GOL F . 13.03 -2.62 44.43
C1 GOL G . 4.15 15.16 -8.91
O1 GOL G . 5.39 14.48 -8.85
C2 GOL G . 4.38 16.66 -8.84
O2 GOL G . 3.71 17.29 -9.91
C3 GOL G . 5.88 16.99 -8.93
O3 GOL G . 6.05 18.33 -9.30
C1 GOL H . -1.62 -10.68 -12.54
O1 GOL H . -2.22 -11.26 -13.69
C2 GOL H . -0.44 -9.79 -12.90
O2 GOL H . 0.14 -10.20 -14.12
C3 GOL H . 0.65 -9.84 -11.83
O3 GOL H . 0.32 -8.99 -10.75
C1 GOL I . 4.82 8.74 6.86
O1 GOL I . 3.56 8.67 7.51
C2 GOL I . 5.35 10.17 6.82
O2 GOL I . 4.61 11.00 7.70
C3 GOL I . 5.23 10.71 5.40
O3 GOL I . 5.75 12.02 5.35
C1 GOL J . 7.95 -13.66 -0.18
O1 GOL J . 9.05 -12.86 0.20
C2 GOL J . 6.70 -12.81 -0.38
O2 GOL J . 7.09 -11.48 -0.63
C3 GOL J . 5.91 -13.31 -1.58
O3 GOL J . 4.54 -13.37 -1.26
C1 GOL K . 13.29 -10.00 22.97
O1 GOL K . 13.59 -10.96 22.00
C2 GOL K . 14.01 -10.37 24.26
O2 GOL K . 15.22 -9.67 24.35
C3 GOL K . 13.13 -10.09 25.47
O3 GOL K . 12.41 -11.24 25.86
C1 GOL L . 23.77 -3.78 21.18
O1 GOL L . 24.36 -4.95 21.69
C2 GOL L . 24.82 -2.78 20.71
O2 GOL L . 26.11 -3.35 20.71
C3 GOL L . 24.79 -1.56 21.63
O3 GOL L . 24.97 -0.37 20.88
C36 96Q M . 19.55 -9.33 19.74
O4 96Q M . 3.18 -3.36 23.15
C18 96Q M . 10.50 -5.46 21.39
C14 96Q M . 7.36 -4.30 22.91
C17 96Q M . 9.47 -3.95 23.05
C16 96Q M . 9.39 -4.89 22.09
C15 96Q M . 7.94 -5.20 21.93
C12 96Q M . 5.84 -4.17 23.25
C10 96Q M . -0.35 -3.74 16.98
C9 96Q M . 0.76 -4.54 17.29
C8 96Q M . 1.37 -4.44 18.53
C6 96Q M . -0.29 -2.74 19.06
C7 96Q M . 0.82 -3.53 19.43
C3 96Q M . 1.48 -3.36 20.75
C2 96Q M . 2.68 -3.94 20.86
C1 96Q M . 3.59 -3.84 22.15
N5 96Q M . 5.00 -4.30 22.05
N11 96Q M . -0.83 -2.88 17.86
O13 96Q M . 8.27 -3.58 23.56
C19 96Q M . 11.74 -4.91 21.82
C20 96Q M . 11.81 -3.90 22.85
C21 96Q M . 10.68 -3.38 23.51
C22 96Q M . 10.80 -2.28 24.62
C23 96Q M . 13.10 -5.29 21.27
C24 96Q M . 13.40 -5.12 19.91
C25 96Q M . 14.66 -5.44 19.43
C26 96Q M . 15.64 -5.93 20.29
C27 96Q M . 15.35 -6.10 21.66
C28 96Q M . 14.08 -5.76 22.13
C29 96Q M . 17.05 -6.28 19.73
O30 96Q M . 17.67 -5.44 19.19
N31 96Q M . 17.65 -7.63 19.84
N32 96Q M . -0.96 -3.89 15.66
C33 96Q M . 17.01 -8.83 20.49
C34 96Q M . 17.88 -9.43 21.58
C35 96Q M . 19.29 -9.65 21.16
C37 96Q M . 19.02 -7.96 19.29
C38 96Q M . 11.85 -2.30 25.49
C39 96Q M . 11.97 -1.31 26.47
C40 96Q M . 11.02 -0.28 26.54
C41 96Q M . 9.97 -0.25 25.66
C42 96Q M . 9.84 -1.24 24.69
F43 96Q M . 20.11 -8.87 21.93
F44 96Q M . 19.62 -10.96 21.40
F45 96Q M . 11.13 0.70 27.49
P PO4 N . -7.92 1.03 16.41
O1 PO4 N . -8.43 0.04 17.43
O2 PO4 N . -6.94 0.36 15.49
O3 PO4 N . -7.18 2.15 17.11
O4 PO4 N . -9.08 1.60 15.63
C1 GOL O . 0.81 11.65 -14.30
O1 GOL O . 1.44 10.41 -14.58
C2 GOL O . 1.79 12.62 -13.66
O2 GOL O . 3.08 12.60 -14.25
C3 GOL O . 1.89 12.31 -12.16
O3 GOL O . 3.22 12.49 -11.73
C1 GOL P . -17.88 -19.09 -8.49
O1 GOL P . -17.96 -20.35 -9.11
C2 GOL P . -16.68 -19.05 -7.54
O2 GOL P . -17.11 -19.24 -6.21
C3 GOL P . -16.01 -17.69 -7.64
O3 GOL P . -16.83 -16.72 -7.01
C1 GOL Q . -27.72 -13.33 -2.63
O1 GOL Q . -27.36 -14.02 -3.82
C2 GOL Q . -28.85 -12.34 -2.88
O2 GOL Q . -30.05 -12.89 -2.37
C3 GOL Q . -28.54 -10.98 -2.24
O3 GOL Q . -27.59 -10.22 -2.96
C1 GOL R . -29.76 -1.81 -0.55
O1 GOL R . -29.30 -1.76 0.77
C2 GOL R . -29.01 -2.93 -1.25
O2 GOL R . -29.87 -3.46 -2.23
C3 GOL R . -27.78 -2.35 -1.93
O3 GOL R . -26.86 -1.84 -0.99
C1 GOL S . -18.72 -1.14 -12.57
O1 GOL S . -18.37 -1.22 -13.93
C2 GOL S . -20.17 -0.70 -12.40
O2 GOL S . -20.38 -0.19 -11.09
C3 GOL S . -20.49 0.41 -13.39
O3 GOL S . -20.34 -0.02 -14.73
C36 96Q T . -15.55 -2.89 -24.95
O4 96Q T . -4.05 7.64 -21.90
C18 96Q T . -10.51 3.17 -21.88
C14 96Q T . -7.91 5.76 -22.32
C17 96Q T . -10.04 5.48 -22.58
C16 96Q T . -9.65 4.29 -22.12
C15 96Q T . -8.18 4.38 -21.90
C12 96Q T . -6.54 6.47 -22.36
C10 96Q T . 0.30 5.67 -16.68
C9 96Q T . -0.49 4.71 -17.35
C8 96Q T . -1.31 5.10 -18.39
C6 96Q T . -0.48 7.33 -18.03
C7 96Q T . -1.27 6.44 -18.75
C3 96Q T . -2.15 6.96 -19.84
C2 96Q T . -3.19 6.20 -20.20
C1 96Q T . -4.26 6.67 -21.26
N5 96Q T . -5.56 5.95 -21.38
N11 96Q T . 0.28 6.92 -17.03
O13 96Q T . -9.03 6.37 -22.73
C19 96Q T . -11.86 3.46 -22.20
C20 96Q T . -12.28 4.75 -22.72
C21 96Q T . -11.37 5.81 -22.92
C22 96Q T . -11.80 7.21 -23.45
C23 96Q T . -12.98 2.43 -22.05
C24 96Q T . -13.62 2.05 -23.23
C25 96Q T . -14.65 1.14 -23.20
C26 96Q T . -15.06 0.57 -21.99
C27 96Q T . -14.43 0.95 -20.80
C28 96Q T . -13.38 1.88 -20.84
C29 96Q T . -16.24 -0.45 -22.00
O30 96Q T . -17.01 -0.47 -21.12
N31 96Q T . -16.44 -1.40 -23.15
N32 96Q T . 1.16 5.25 -15.57
C33 96Q T . -17.59 -2.38 -23.20
C34 96Q T . -17.98 -2.94 -24.58
C35 96Q T . -16.87 -3.14 -25.55
C37 96Q T . -15.54 -1.49 -24.36
C38 96Q T . -12.55 7.31 -24.59
C39 96Q T . -12.93 8.59 -25.04
C40 96Q T . -12.56 9.72 -24.32
C41 96Q T . -11.82 9.62 -23.17
C42 96Q T . -11.42 8.36 -22.72
F43 96Q T . -17.03 -2.29 -26.60
F44 96Q T . -16.91 -4.42 -26.01
F45 96Q T . -12.95 10.96 -24.76
#